data_7JOO
#
_entry.id   7JOO
#
_cell.length_a   171.855
_cell.length_b   49.031
_cell.length_c   91.817
_cell.angle_alpha   90.000
_cell.angle_beta   101.901
_cell.angle_gamma   90.000
#
_symmetry.space_group_name_H-M   'C 1 2 1'
#
loop_
_entity.id
_entity.type
_entity.pdbx_description
1 polymer 'anti-kappa VHH'
2 polymer 'STIM003 Fab Heavy chain'
3 polymer 'STIM003 Fab Light chain'
4 polymer 'Inducible T-cell costimulator'
5 non-polymer GLYCEROL
6 non-polymer 2-acetamido-2-deoxy-beta-D-glucopyranose
7 water water
#
loop_
_entity_poly.entity_id
_entity_poly.type
_entity_poly.pdbx_seq_one_letter_code
_entity_poly.pdbx_strand_id
1 'polypeptide(L)'
;(UNK)VQL(UNK)(UNK)SGGG(UNK)VQ(UNK)G(UNK)SL(UNK)LSC(UNK)A(UNK)(UNK)(UNK)(UNK)
(UNK)(UNK)(UNK)(UNK)(UNK)(UNK)(UNK)W(UNK)RQ(UNK)PG(UNK)(UNK)RE(UNK)V(UNK)(UNK)
(UNK)(UNK)(UNK)(UNK)(UNK)(UNK)(UNK)(UNK)(UNK)(UNK)(UNK)DS(UNK)(UNK)GRFT(UNK)S
(UNK)D(UNK)(UNK)(UNK)(UNK)(UNK)(UNK)(UNK)LQ(UNK)(UNK)(UNK)L(UNK)(UNK)(UNK)D(UNK)
A(UNK)YYC(UNK)(UNK)(UNK)(UNK)(UNK)(UNK)(UNK)(UNK)(UNK)(UNK)(UNK)(UNK)(UNK)(UNK)W
G(UNK)GT(UNK)VTVSS
;
K
2 'polypeptide(L)'
;EVQLVESGGGVVRPGGSLRLSCVASGVTFDDYGMSWVRQAPGKGLEWVSGINWNGGDTDYSDSVKGRFTISRDNAKNSLY
LQMNSLRAEDTALYYCARDFYGSGSYYHVPFDYWGQGILVTVSSASTKGPSVFPLAPSSKSTSGGTAALGCLVKDYFPEP
VTVSWNSGALTSGVHTFPAVLQSSGLYSLSSVVTVPSSSLGTQTYICNVNHKPSNTKVDKKVEPKSC
;
H
3 'polypeptide(L)'
;EIVLTQSPGTLSLSPGERATLSCRASQSVSRSYLAWYQQKRGQAPRLLIYGASSRATGIPDRFSGDGSGTDFTLSISRLE
PEDFAVYYCHQYDMSPFTFGPGTKVDIKRTVAAPSVFIFPPSDEQLKSGTASVVCLLNNFYPREAKVQWKVDNALQSGNS
QESVTEQDSKDSTYSLSSTLTLSKADYEKHKVYACEVTHQGLSSPVTKSFNRGEC
;
L
4 'polypeptide(L)'
;TGEIQGSANYEMFIFHNGGVQILCKYPDIVQQFKMQLLKGGQILCDLTKTKGSGNTVSIKSLKFCHSQLSNNSVSFFLYN
LDHSHANYYFCNLSIFDPPPFKVTLTGGYLHIYESQLAAQGTENLYFQ
;
C
#
# COMPACT_ATOMS: atom_id res chain seq x y z
N UNK A 1 -23.97 21.95 24.61
CA UNK A 1 -22.61 22.27 25.04
C UNK A 1 -21.80 20.99 25.27
N VAL A 2 -20.73 20.81 24.51
CA VAL A 2 -19.84 19.66 24.73
C VAL A 2 -19.22 19.79 26.11
N GLN A 3 -19.39 18.76 26.94
CA GLN A 3 -18.88 18.79 28.31
C GLN A 3 -18.16 17.49 28.64
N LEU A 4 -16.97 17.61 29.23
CA LEU A 4 -16.23 16.47 29.76
C LEU A 4 -16.10 16.63 31.27
N UNK A 5 -16.40 15.55 31.99
CA UNK A 5 -16.33 15.54 33.44
C UNK A 5 -15.40 14.41 33.88
N UNK A 6 -14.27 14.77 34.49
CA UNK A 6 -13.33 13.79 35.01
C UNK A 6 -13.64 13.50 36.47
N SER A 7 -13.34 12.27 36.89
CA SER A 7 -13.58 11.86 38.26
C SER A 7 -12.70 10.65 38.57
N GLY A 8 -12.68 10.27 39.84
CA GLY A 8 -11.94 9.12 40.29
C GLY A 8 -10.58 9.43 40.89
N GLY A 9 -10.14 10.69 40.85
CA GLY A 9 -8.86 11.04 41.43
C GLY A 9 -8.93 11.15 42.95
N GLY A 10 -7.77 10.98 43.58
CA GLY A 10 -7.71 11.04 45.02
C GLY A 10 -6.32 10.68 45.52
N UNK A 11 -6.27 10.29 46.79
CA UNK A 11 -5.01 9.95 47.45
C UNK A 11 -4.73 8.46 47.31
N VAL A 12 -3.49 8.13 46.97
CA VAL A 12 -3.07 6.75 46.73
C VAL A 12 -1.69 6.55 47.33
N GLN A 13 -1.48 5.43 48.01
CA GLN A 13 -0.15 5.11 48.50
C GLN A 13 0.72 4.63 47.34
N UNK A 14 2.03 4.85 47.46
CA UNK A 14 2.95 4.48 46.40
C UNK A 14 2.87 2.98 46.11
N GLY A 15 2.64 2.64 44.85
CA GLY A 15 2.55 1.26 44.43
C GLY A 15 1.15 0.69 44.34
N UNK A 16 0.12 1.52 44.49
CA UNK A 16 -1.27 1.09 44.41
C UNK A 16 -1.89 1.54 43.09
N SER A 17 -3.20 1.36 42.96
CA SER A 17 -3.91 1.57 41.71
C SER A 17 -5.05 2.57 41.88
N LEU A 18 -5.55 3.06 40.75
CA LEU A 18 -6.65 4.01 40.73
C LEU A 18 -7.21 4.07 39.32
N UNK A 19 -8.53 4.22 39.21
CA UNK A 19 -9.21 4.26 37.92
C UNK A 19 -9.90 5.60 37.75
N LEU A 20 -9.50 6.35 36.73
CA LEU A 20 -10.11 7.63 36.40
C LEU A 20 -11.19 7.45 35.33
N SER A 21 -12.26 8.23 35.46
CA SER A 21 -13.34 8.23 34.50
C SER A 21 -13.49 9.62 33.87
N CYS A 22 -13.92 9.63 32.61
CA CYS A 22 -14.19 10.86 31.86
C CYS A 22 -15.52 10.65 31.16
N UNK A 23 -16.57 11.29 31.67
CA UNK A 23 -17.90 11.21 31.08
C UNK A 23 -18.11 12.38 30.13
N ALA A 24 -18.57 12.07 28.91
CA ALA A 24 -18.74 13.05 27.86
C ALA A 24 -20.22 13.28 27.56
N UNK A 25 -20.57 14.53 27.26
CA UNK A 25 -21.92 14.91 26.95
C UNK A 25 -21.93 15.88 25.77
N UNK A 26 -22.95 15.77 24.93
CA UNK A 26 -23.20 16.56 23.73
C UNK A 26 -22.26 16.19 22.58
N UNK A 27 -21.55 15.08 22.68
CA UNK A 27 -20.77 14.55 21.57
C UNK A 27 -20.78 13.03 21.66
N UNK A 28 -20.98 12.37 20.52
CA UNK A 28 -20.98 10.91 20.47
C UNK A 28 -19.52 10.44 20.41
N UNK A 29 -19.00 10.05 21.58
CA UNK A 29 -17.58 9.73 21.70
C UNK A 29 -17.17 8.50 20.90
N UNK A 30 -18.12 7.68 20.45
CA UNK A 30 -17.77 6.49 19.69
C UNK A 30 -17.14 6.82 18.35
N UNK A 31 -17.22 8.07 17.90
CA UNK A 31 -16.68 8.47 16.61
C UNK A 31 -15.36 9.21 16.70
N UNK A 32 -14.88 9.50 17.91
CA UNK A 32 -13.70 10.34 18.10
C UNK A 32 -12.72 9.67 19.07
N UNK A 33 -11.45 10.04 18.94
CA UNK A 33 -10.43 9.58 19.86
C UNK A 33 -10.46 10.41 21.14
N UNK A 34 -10.29 9.74 22.27
CA UNK A 34 -10.28 10.41 23.58
C UNK A 34 -8.92 10.23 24.21
N UNK A 35 -8.33 11.34 24.68
CA UNK A 35 -6.96 11.29 25.19
C UNK A 35 -6.90 11.77 26.63
N TRP A 36 -5.97 11.19 27.39
CA TRP A 36 -5.66 11.62 28.75
C TRP A 36 -4.31 12.31 28.76
N UNK A 37 -4.26 13.49 29.36
CA UNK A 37 -3.04 14.23 29.62
C UNK A 37 -2.95 14.54 31.10
N ARG A 38 -1.76 14.90 31.57
CA ARG A 38 -1.58 15.25 32.98
C ARG A 38 -0.67 16.46 33.12
N GLN A 39 -0.86 17.19 34.22
CA GLN A 39 -0.06 18.38 34.49
C GLN A 39 0.34 18.37 35.96
N UNK A 40 1.65 18.37 36.21
CA UNK A 40 2.23 18.47 37.54
C UNK A 40 2.51 19.92 37.88
N PRO A 41 2.61 20.25 39.17
CA PRO A 41 2.87 21.64 39.56
C PRO A 41 4.18 22.15 38.98
N GLY A 42 4.11 23.30 38.31
CA GLY A 42 5.30 23.92 37.75
C GLY A 42 5.87 23.22 36.54
N UNK A 43 5.10 22.39 35.85
CA UNK A 43 5.57 21.68 34.67
C UNK A 43 4.53 21.74 33.58
N UNK A 44 4.94 21.43 32.36
CA UNK A 44 4.05 21.50 31.21
C UNK A 44 3.08 20.33 31.19
N ARG A 45 1.91 20.56 30.58
CA ARG A 45 0.89 19.54 30.48
C ARG A 45 1.39 18.41 29.57
N GLU A 46 1.47 17.20 30.13
CA GLU A 46 2.14 16.08 29.48
C GLU A 46 1.12 15.09 28.94
N UNK A 47 1.41 14.53 27.76
CA UNK A 47 0.54 13.52 27.16
C UNK A 47 0.70 12.21 27.90
N VAL A 48 -0.43 11.56 28.20
CA VAL A 48 -0.46 10.28 28.91
C VAL A 48 -0.87 9.14 27.98
N UNK A 49 -2.06 9.20 27.41
CA UNK A 49 -2.55 8.09 26.60
C UNK A 49 -3.62 8.57 25.65
N UNK A 50 -3.94 7.74 24.66
CA UNK A 50 -4.97 8.03 23.67
C UNK A 50 -5.69 6.73 23.31
N UNK A 51 -7.01 6.73 23.44
CA UNK A 51 -7.85 5.63 23.00
C UNK A 51 -8.56 6.08 21.72
N UNK A 52 -8.17 5.50 20.60
CA UNK A 52 -8.83 5.80 19.33
C UNK A 52 -10.13 4.99 19.27
N UNK A 53 -10.80 5.01 18.13
CA UNK A 53 -12.04 4.28 18.00
C UNK A 53 -11.80 2.78 18.17
N UNK A 54 -12.88 2.05 18.46
CA UNK A 54 -12.80 0.61 18.62
C UNK A 54 -12.20 -0.03 17.38
N UNK A 55 -11.14 -0.83 17.60
CA UNK A 55 -10.30 -1.52 16.62
C UNK A 55 -9.15 -0.66 16.12
N UNK A 56 -9.15 0.64 16.43
CA UNK A 56 -8.05 1.51 16.03
C UNK A 56 -6.94 1.59 17.08
N UNK A 57 -7.11 0.90 18.22
CA UNK A 57 -6.09 0.66 19.24
C UNK A 57 -5.84 1.85 20.16
N UNK A 58 -4.89 1.69 21.07
CA UNK A 58 -4.58 2.69 22.08
C UNK A 58 -3.08 2.93 22.11
N UNK A 59 -2.68 4.19 22.28
CA UNK A 59 -1.28 4.58 22.26
C UNK A 59 -0.92 5.25 23.58
N UNK A 60 0.35 5.10 23.98
CA UNK A 60 0.78 5.52 25.31
C UNK A 60 2.12 6.25 25.23
N UNK A 61 2.40 7.00 26.28
CA UNK A 61 3.67 7.70 26.43
C UNK A 61 4.68 6.79 27.12
N ASP A 62 5.97 7.14 26.95
CA ASP A 62 7.03 6.34 27.55
C ASP A 62 6.90 6.27 29.07
N SER A 63 6.44 7.36 29.68
CA SER A 63 6.44 7.45 31.14
C SER A 63 5.45 6.47 31.79
N UNK A 64 4.39 6.12 31.08
CA UNK A 64 3.33 5.28 31.64
C UNK A 64 3.03 4.08 30.74
N UNK A 65 4.05 3.59 30.03
CA UNK A 65 3.85 2.58 29.00
C UNK A 65 3.24 1.31 29.58
N GLY A 66 3.95 0.64 30.47
CA GLY A 66 3.50 -0.64 30.97
C GLY A 66 2.60 -0.60 32.18
N ARG A 67 2.36 0.59 32.74
CA ARG A 67 1.60 0.69 33.97
C ARG A 67 0.15 1.13 33.75
N PHE A 68 -0.11 1.99 32.77
CA PHE A 68 -1.45 2.51 32.54
C PHE A 68 -2.15 1.77 31.41
N THR A 69 -3.48 1.87 31.41
CA THR A 69 -4.31 1.24 30.39
C THR A 69 -5.53 2.12 30.13
N UNK A 70 -5.70 2.57 28.89
CA UNK A 70 -6.87 3.35 28.49
C UNK A 70 -7.94 2.43 27.91
N SER A 71 -9.18 2.68 28.29
CA SER A 71 -10.31 1.88 27.81
C SER A 71 -11.49 2.81 27.53
N UNK A 72 -12.47 2.28 26.82
CA UNK A 72 -13.63 3.06 26.43
C UNK A 72 -14.91 2.27 26.65
N ASP A 73 -15.99 2.97 26.97
CA ASP A 73 -17.34 2.41 27.03
C ASP A 73 -18.20 3.37 26.21
N UNK A 74 -18.36 3.06 24.93
CA UNK A 74 -19.15 3.93 24.05
C UNK A 74 -20.63 3.88 24.39
N UNK A 75 -21.10 2.81 25.03
CA UNK A 75 -22.48 2.75 25.46
C UNK A 75 -22.77 3.76 26.57
N UNK A 76 -21.84 3.91 27.51
CA UNK A 76 -21.95 4.93 28.55
C UNK A 76 -21.34 6.27 28.12
N UNK A 77 -20.82 6.37 26.90
CA UNK A 77 -20.15 7.57 26.42
C UNK A 77 -19.06 8.02 27.37
N UNK A 78 -18.26 7.06 27.85
CA UNK A 78 -17.26 7.36 28.86
C UNK A 78 -15.92 6.75 28.47
N UNK A 79 -14.84 7.36 28.94
CA UNK A 79 -13.50 6.83 28.79
C UNK A 79 -12.91 6.58 30.17
N UNK A 80 -12.01 5.62 30.27
CA UNK A 80 -11.45 5.24 31.56
C UNK A 80 -9.94 5.07 31.44
N LEU A 81 -9.25 5.37 32.54
CA LEU A 81 -7.80 5.25 32.63
C LEU A 81 -7.46 4.47 33.89
N GLN A 82 -6.96 3.24 33.72
CA GLN A 82 -6.51 2.41 34.81
C GLN A 82 -5.03 2.69 35.07
N UNK A 83 -4.69 3.01 36.31
CA UNK A 83 -3.32 3.36 36.70
C UNK A 83 -2.86 2.41 37.78
N UNK A 84 -1.87 1.58 37.46
CA UNK A 84 -1.28 0.62 38.37
C UNK A 84 0.17 0.99 38.64
N UNK A 85 0.68 0.51 39.78
CA UNK A 85 2.06 0.76 40.22
C UNK A 85 2.38 2.25 40.21
N LEU A 86 1.55 3.00 40.95
CA LEU A 86 1.68 4.45 40.96
C LEU A 86 2.91 4.89 41.76
N UNK A 87 3.63 5.87 41.21
CA UNK A 87 4.80 6.45 41.86
C UNK A 87 4.46 7.84 42.37
N UNK A 88 5.36 8.40 43.18
CA UNK A 88 5.12 9.71 43.76
C UNK A 88 5.12 10.81 42.70
N UNK A 89 5.89 10.65 41.63
CA UNK A 89 5.95 11.62 40.54
C UNK A 89 4.77 11.51 39.58
N ASP A 90 3.88 10.53 39.78
CA ASP A 90 2.64 10.48 39.03
C ASP A 90 1.60 11.47 39.56
N UNK A 91 1.89 12.14 40.67
CA UNK A 91 0.97 13.12 41.24
C UNK A 91 0.79 14.29 40.28
N ALA A 92 -0.45 14.53 39.87
CA ALA A 92 -0.74 15.57 38.89
C ALA A 92 -2.26 15.74 38.78
N UNK A 93 -2.65 16.79 38.06
CA UNK A 93 -4.05 16.96 37.65
C UNK A 93 -4.21 16.33 36.28
N TYR A 94 -5.11 15.36 36.16
CA TYR A 94 -5.33 14.61 34.94
C TYR A 94 -6.56 15.14 34.23
N TYR A 95 -6.40 15.48 32.96
CA TYR A 95 -7.47 15.98 32.09
C TYR A 95 -7.72 14.98 30.98
N CYS A 96 -8.95 14.98 30.48
CA CYS A 96 -9.30 14.29 29.25
C CYS A 96 -9.70 15.30 28.19
N UNK A 97 -9.36 14.99 26.94
CA UNK A 97 -9.61 15.86 25.81
C UNK A 97 -10.16 15.05 24.65
N UNK A 98 -11.02 15.69 23.87
CA UNK A 98 -11.65 15.07 22.70
C UNK A 98 -11.00 15.58 21.43
N UNK A 99 -10.52 14.66 20.60
CA UNK A 99 -9.96 15.01 19.30
C UNK A 99 -11.09 15.22 18.32
N UNK A 100 -11.26 16.45 17.83
CA UNK A 100 -12.35 16.76 16.92
C UNK A 100 -12.15 16.18 15.53
N UNK A 101 -10.91 15.85 15.16
CA UNK A 101 -10.62 15.31 13.83
C UNK A 101 -10.80 13.80 13.85
N UNK A 102 -11.75 13.30 13.06
CA UNK A 102 -11.94 11.86 12.95
C UNK A 102 -10.72 11.14 12.38
N UNK A 103 -9.86 11.86 11.66
CA UNK A 103 -8.62 11.30 11.14
C UNK A 103 -7.49 11.32 12.15
N UNK A 104 -7.76 11.75 13.39
CA UNK A 104 -6.84 11.63 14.53
C UNK A 104 -5.61 12.53 14.37
N UNK A 105 -5.85 13.78 14.00
CA UNK A 105 -4.79 14.79 13.95
C UNK A 105 -4.66 15.57 15.24
N UNK A 106 -5.51 15.27 16.24
CA UNK A 106 -5.55 15.94 17.54
C UNK A 106 -6.01 17.40 17.47
N UNK A 107 -7.11 17.68 16.76
CA UNK A 107 -7.78 18.94 17.00
C UNK A 107 -8.48 18.89 18.36
N UNK A 108 -7.71 18.92 19.44
CA UNK A 108 -8.29 18.86 20.78
C UNK A 108 -9.05 20.14 21.11
N UNK A 109 -10.35 20.15 20.86
CA UNK A 109 -11.18 21.34 21.00
C UNK A 109 -11.94 21.40 22.32
N UNK A 110 -12.04 20.29 23.05
CA UNK A 110 -12.81 20.24 24.30
C UNK A 110 -12.05 19.47 25.35
N TRP A 111 -11.94 20.05 26.54
CA TRP A 111 -11.23 19.48 27.67
C TRP A 111 -12.13 19.42 28.90
N GLY A 112 -11.79 18.54 29.83
CA GLY A 112 -12.44 18.51 31.13
C GLY A 112 -11.77 19.44 32.13
N UNK A 113 -12.42 19.60 33.28
CA UNK A 113 -11.85 20.47 34.32
C UNK A 113 -10.67 19.82 35.03
N GLY A 114 -10.51 18.51 34.93
CA GLY A 114 -9.40 17.80 35.52
C GLY A 114 -9.75 17.19 36.86
N THR A 115 -8.95 16.21 37.27
CA THR A 115 -9.10 15.57 38.57
C THR A 115 -7.72 15.38 39.18
N UNK A 116 -7.59 15.65 40.48
CA UNK A 116 -6.29 15.60 41.14
C UNK A 116 -5.97 14.19 41.61
N VAL A 117 -4.75 13.74 41.33
CA VAL A 117 -4.24 12.46 41.81
C VAL A 117 -2.95 12.73 42.57
N THR A 118 -2.96 12.43 43.87
CA THR A 118 -1.83 12.65 44.76
C THR A 118 -1.36 11.31 45.29
N VAL A 119 -0.06 11.02 45.14
CA VAL A 119 0.53 9.77 45.58
C VAL A 119 1.58 10.09 46.64
N SER A 120 1.36 9.63 47.85
CA SER A 120 2.29 9.87 48.95
C SER A 120 2.23 8.75 49.98
N VAL B 2 14.47 -19.97 -13.93
CA VAL B 2 13.71 -19.10 -14.82
C VAL B 2 14.21 -17.67 -14.67
N GLN B 3 14.20 -16.92 -15.77
CA GLN B 3 14.71 -15.55 -15.81
C GLN B 3 13.75 -14.70 -16.63
N LEU B 4 13.44 -13.51 -16.12
CA LEU B 4 12.51 -12.59 -16.77
C LEU B 4 13.23 -11.30 -17.12
N VAL B 5 13.13 -10.88 -18.38
CA VAL B 5 13.70 -9.64 -18.86
C VAL B 5 12.56 -8.69 -19.19
N GLU B 6 12.53 -7.54 -18.53
CA GLU B 6 11.50 -6.52 -18.76
C GLU B 6 12.15 -5.25 -19.25
N SER B 7 11.61 -4.69 -20.34
CA SER B 7 12.22 -3.53 -20.97
C SER B 7 11.15 -2.73 -21.69
N GLY B 8 11.57 -1.62 -22.29
CA GLY B 8 10.72 -0.81 -23.14
C GLY B 8 10.29 0.51 -22.53
N GLY B 9 10.43 0.67 -21.22
CA GLY B 9 10.01 1.88 -20.55
C GLY B 9 11.02 3.01 -20.71
N GLY B 10 10.82 4.04 -19.91
CA GLY B 10 11.72 5.17 -19.92
C GLY B 10 10.94 6.48 -19.87
N VAL B 11 11.59 7.54 -20.32
CA VAL B 11 11.04 8.89 -20.28
C VAL B 11 10.60 9.27 -21.69
N VAL B 12 9.37 9.78 -21.81
CA VAL B 12 8.77 10.10 -23.10
C VAL B 12 7.90 11.34 -22.93
N ARG B 13 7.73 12.08 -24.05
CA ARG B 13 6.85 13.24 -24.07
C ARG B 13 5.41 12.80 -24.30
N PRO B 14 4.44 13.64 -23.93
CA PRO B 14 3.06 13.37 -24.31
C PRO B 14 2.92 13.29 -25.82
N GLY B 15 2.16 12.29 -26.28
CA GLY B 15 2.02 12.02 -27.69
C GLY B 15 3.01 11.01 -28.24
N GLY B 16 4.08 10.72 -27.51
CA GLY B 16 5.06 9.75 -27.94
C GLY B 16 4.52 8.33 -27.81
N SER B 17 5.43 7.37 -27.98
CA SER B 17 5.08 5.96 -27.98
C SER B 17 6.14 5.17 -27.22
N LEU B 18 5.71 4.03 -26.67
CA LEU B 18 6.61 3.10 -26.00
C LEU B 18 6.04 1.69 -26.11
N ARG B 19 6.91 0.71 -26.36
CA ARG B 19 6.50 -0.69 -26.34
C ARG B 19 7.18 -1.40 -25.18
N LEU B 20 6.41 -1.72 -24.15
CA LEU B 20 6.92 -2.50 -23.03
C LEU B 20 6.91 -3.99 -23.39
N SER B 21 7.90 -4.70 -22.86
CA SER B 21 8.06 -6.12 -23.16
C SER B 21 8.50 -6.87 -21.91
N CYS B 22 7.80 -7.98 -21.63
CA CYS B 22 8.20 -8.94 -20.62
C CYS B 22 8.48 -10.26 -21.32
N VAL B 23 9.72 -10.73 -21.22
CA VAL B 23 10.16 -11.97 -21.87
C VAL B 23 10.56 -12.95 -20.79
N ALA B 24 9.97 -14.15 -20.84
CA ALA B 24 10.28 -15.21 -19.90
C ALA B 24 10.98 -16.36 -20.62
N SER B 25 12.00 -16.93 -19.98
CA SER B 25 12.84 -17.91 -20.63
C SER B 25 12.41 -19.34 -20.35
N GLY B 26 12.31 -19.73 -19.09
CA GLY B 26 12.11 -21.12 -18.75
C GLY B 26 10.71 -21.53 -18.35
N VAL B 27 9.72 -21.13 -19.15
CA VAL B 27 8.33 -21.49 -18.88
C VAL B 27 7.59 -21.64 -20.21
N THR B 28 6.52 -22.44 -20.20
CA THR B 28 5.66 -22.62 -21.37
C THR B 28 4.70 -21.45 -21.47
N PHE B 29 4.83 -20.64 -22.53
CA PHE B 29 4.12 -19.38 -22.60
C PHE B 29 2.64 -19.56 -22.91
N ASP B 30 2.30 -20.58 -23.70
CA ASP B 30 0.92 -20.80 -24.14
C ASP B 30 -0.02 -21.20 -23.00
N ASP B 31 0.51 -21.55 -21.83
CA ASP B 31 -0.34 -21.98 -20.75
C ASP B 31 -0.95 -20.83 -19.97
N TYR B 32 -0.38 -19.63 -20.06
CA TYR B 32 -0.73 -18.54 -19.17
C TYR B 32 -1.41 -17.41 -19.93
N GLY B 33 -2.56 -16.95 -19.41
CA GLY B 33 -3.06 -15.65 -19.79
C GLY B 33 -2.30 -14.56 -19.05
N MET B 34 -2.08 -13.45 -19.74
CA MET B 34 -1.23 -12.39 -19.22
C MET B 34 -2.04 -11.13 -18.98
N SER B 35 -1.43 -10.17 -18.30
CA SER B 35 -2.10 -8.92 -17.99
C SER B 35 -1.06 -7.87 -17.60
N TRP B 36 -1.45 -6.61 -17.77
CA TRP B 36 -0.64 -5.46 -17.38
C TRP B 36 -1.39 -4.66 -16.33
N VAL B 37 -0.71 -4.37 -15.22
CA VAL B 37 -1.27 -3.61 -14.10
C VAL B 37 -0.25 -2.55 -13.70
N ARG B 38 -0.69 -1.32 -13.52
CA ARG B 38 0.24 -0.23 -13.23
C ARG B 38 0.00 0.38 -11.86
N GLN B 39 1.05 1.01 -11.34
CA GLN B 39 1.02 1.69 -10.05
C GLN B 39 1.62 3.08 -10.23
N ALA B 40 0.79 4.11 -10.07
CA ALA B 40 1.27 5.48 -10.14
C ALA B 40 2.15 5.78 -8.92
N PRO B 41 3.10 6.71 -9.05
CA PRO B 41 4.00 6.99 -7.93
C PRO B 41 3.27 7.33 -6.63
N GLY B 42 3.43 6.47 -5.63
CA GLY B 42 2.85 6.72 -4.32
C GLY B 42 1.37 6.45 -4.22
N LYS B 43 0.83 5.65 -5.12
CA LYS B 43 -0.59 5.36 -5.16
C LYS B 43 -0.78 3.85 -5.18
N GLY B 44 -1.99 3.42 -5.49
CA GLY B 44 -2.33 2.01 -5.51
C GLY B 44 -2.19 1.39 -6.89
N LEU B 45 -2.85 0.26 -7.06
CA LEU B 45 -2.76 -0.54 -8.26
C LEU B 45 -3.95 -0.29 -9.18
N GLU B 46 -3.69 -0.34 -10.49
CA GLU B 46 -4.73 -0.12 -11.50
C GLU B 46 -4.56 -1.16 -12.58
N TRP B 47 -5.54 -2.05 -12.71
CA TRP B 47 -5.52 -3.02 -13.80
C TRP B 47 -5.69 -2.29 -15.13
N VAL B 48 -4.78 -2.57 -16.06
CA VAL B 48 -4.73 -1.90 -17.35
C VAL B 48 -5.26 -2.79 -18.47
N SER B 49 -4.72 -3.99 -18.61
CA SER B 49 -5.11 -4.80 -19.75
C SER B 49 -4.95 -6.29 -19.45
N GLY B 50 -5.64 -7.10 -20.24
CA GLY B 50 -5.55 -8.55 -20.10
C GLY B 50 -5.69 -9.24 -21.44
N ILE B 51 -5.03 -10.39 -21.57
CA ILE B 51 -4.98 -11.16 -22.81
C ILE B 51 -4.95 -12.64 -22.46
N ASN B 52 -5.52 -13.47 -23.35
CA ASN B 52 -5.60 -14.90 -23.11
C ASN B 52 -4.42 -15.61 -23.79
N TRP B 53 -4.50 -16.94 -23.89
CA TRP B 53 -3.32 -17.74 -24.22
C TRP B 53 -2.84 -17.49 -25.64
N ASN B 54 -3.75 -17.31 -26.59
CA ASN B 54 -3.37 -17.13 -27.99
C ASN B 54 -3.58 -15.71 -28.49
N GLY B 55 -4.02 -14.80 -27.63
CA GLY B 55 -4.28 -13.43 -28.06
C GLY B 55 -5.58 -13.22 -28.79
N GLY B 56 -6.42 -14.25 -28.93
CA GLY B 56 -7.71 -14.09 -29.56
C GLY B 56 -8.74 -13.39 -28.70
N ASP B 57 -8.42 -13.11 -27.44
CA ASP B 57 -9.32 -12.44 -26.53
C ASP B 57 -8.52 -11.46 -25.68
N THR B 58 -8.95 -10.21 -25.68
CA THR B 58 -8.30 -9.16 -24.90
C THR B 58 -9.35 -8.32 -24.20
N ASP B 59 -8.90 -7.58 -23.19
CA ASP B 59 -9.76 -6.63 -22.50
C ASP B 59 -8.90 -5.47 -22.00
N TYR B 60 -9.50 -4.28 -21.95
CA TYR B 60 -8.83 -3.06 -21.56
C TYR B 60 -9.70 -2.29 -20.57
N SER B 61 -9.05 -1.53 -19.70
CA SER B 61 -9.76 -0.55 -18.90
C SER B 61 -10.06 0.69 -19.75
N ASP B 62 -11.09 1.44 -19.33
CA ASP B 62 -11.51 2.59 -20.11
C ASP B 62 -10.43 3.67 -20.19
N SER B 63 -9.54 3.74 -19.20
CA SER B 63 -8.53 4.78 -19.17
C SER B 63 -7.48 4.59 -20.27
N VAL B 64 -7.32 3.38 -20.82
CA VAL B 64 -6.36 3.11 -21.87
C VAL B 64 -6.99 2.47 -23.10
N LYS B 65 -8.33 2.38 -23.16
CA LYS B 65 -8.97 1.52 -24.15
C LYS B 65 -8.65 1.96 -25.57
N GLY B 66 -8.53 3.26 -25.81
CA GLY B 66 -8.29 3.70 -27.17
C GLY B 66 -6.83 3.89 -27.55
N ARG B 67 -5.91 3.70 -26.61
CA ARG B 67 -4.51 4.10 -26.79
C ARG B 67 -3.51 2.96 -26.58
N PHE B 68 -3.82 1.96 -25.76
CA PHE B 68 -2.88 0.88 -25.49
C PHE B 68 -3.33 -0.40 -26.18
N THR B 69 -2.35 -1.22 -26.56
CA THR B 69 -2.60 -2.50 -27.21
C THR B 69 -1.76 -3.57 -26.54
N ILE B 70 -2.42 -4.56 -25.95
CA ILE B 70 -1.74 -5.71 -25.38
C ILE B 70 -1.60 -6.78 -26.45
N SER B 71 -0.46 -7.46 -26.47
CA SER B 71 -0.25 -8.53 -27.44
C SER B 71 0.81 -9.48 -26.91
N ARG B 72 1.02 -10.57 -27.64
CA ARG B 72 1.97 -11.57 -27.21
C ARG B 72 2.53 -12.31 -28.41
N ASP B 73 3.73 -12.85 -28.22
CA ASP B 73 4.39 -13.71 -29.21
C ASP B 73 4.88 -14.94 -28.45
N ASN B 74 4.11 -16.03 -28.55
CA ASN B 74 4.43 -17.23 -27.78
C ASN B 74 5.71 -17.90 -28.26
N ALA B 75 5.99 -17.84 -29.57
CA ALA B 75 7.23 -18.43 -30.07
C ALA B 75 8.46 -17.72 -29.51
N LYS B 76 8.35 -16.41 -29.27
CA LYS B 76 9.42 -15.63 -28.66
C LYS B 76 9.26 -15.49 -27.16
N ASN B 77 8.21 -16.06 -26.58
CA ASN B 77 7.92 -15.99 -25.15
C ASN B 77 7.89 -14.53 -24.67
N SER B 78 7.19 -13.70 -25.43
CA SER B 78 7.19 -12.26 -25.19
C SER B 78 5.76 -11.76 -24.99
N LEU B 79 5.61 -10.80 -24.07
CA LEU B 79 4.37 -10.08 -23.84
C LEU B 79 4.61 -8.60 -24.04
N TYR B 80 3.82 -7.98 -24.91
CA TYR B 80 4.02 -6.60 -25.32
C TYR B 80 2.85 -5.74 -24.90
N LEU B 81 3.16 -4.51 -24.49
CA LEU B 81 2.18 -3.45 -24.29
C LEU B 81 2.63 -2.27 -25.14
N GLN B 82 1.94 -2.06 -26.27
CA GLN B 82 2.18 -0.89 -27.11
C GLN B 82 1.37 0.28 -26.58
N MET B 83 2.04 1.42 -26.40
CA MET B 83 1.44 2.60 -25.77
C MET B 83 1.64 3.80 -26.68
N ASN B 84 0.53 4.30 -27.23
CA ASN B 84 0.49 5.51 -28.04
C ASN B 84 -0.40 6.54 -27.34
N SER B 85 -0.37 7.78 -27.86
CA SER B 85 -1.15 8.88 -27.32
C SER B 85 -0.95 9.01 -25.81
N LEU B 86 0.32 8.96 -25.39
CA LEU B 86 0.64 8.92 -23.97
C LEU B 86 0.31 10.23 -23.29
N ARG B 87 -0.18 10.13 -22.06
CA ARG B 87 -0.53 11.27 -21.23
C ARG B 87 0.31 11.26 -19.96
N ALA B 88 0.41 12.43 -19.32
CA ALA B 88 1.23 12.54 -18.12
C ALA B 88 0.70 11.65 -17.00
N GLU B 89 -0.60 11.38 -16.99
CA GLU B 89 -1.18 10.50 -15.99
C GLU B 89 -0.94 9.02 -16.28
N ASP B 90 -0.26 8.70 -17.38
CA ASP B 90 0.19 7.32 -17.62
C ASP B 90 1.49 7.01 -16.90
N THR B 91 2.11 8.00 -16.26
CA THR B 91 3.36 7.80 -15.55
C THR B 91 3.18 6.82 -14.40
N ALA B 92 3.88 5.70 -14.45
CA ALA B 92 3.68 4.66 -13.44
C ALA B 92 4.74 3.58 -13.60
N LEU B 93 4.74 2.65 -12.65
CA LEU B 93 5.46 1.40 -12.76
C LEU B 93 4.50 0.33 -13.27
N TYR B 94 4.86 -0.31 -14.37
CA TYR B 94 4.00 -1.28 -15.04
C TYR B 94 4.51 -2.69 -14.75
N TYR B 95 3.67 -3.49 -14.09
CA TYR B 95 3.93 -4.89 -13.84
C TYR B 95 3.21 -5.75 -14.86
N CYS B 96 3.89 -6.79 -15.32
CA CYS B 96 3.27 -7.85 -16.11
C CYS B 96 2.96 -9.02 -15.20
N ALA B 97 1.81 -9.65 -15.41
CA ALA B 97 1.32 -10.69 -14.53
C ALA B 97 0.71 -11.81 -15.37
N ARG B 98 0.58 -12.98 -14.74
CA ARG B 98 0.01 -14.14 -15.42
C ARG B 98 -0.95 -14.84 -14.46
N ASP B 99 -1.90 -15.57 -15.04
CA ASP B 99 -2.83 -16.34 -14.22
C ASP B 99 -2.07 -17.45 -13.50
N PHE B 100 -2.39 -17.63 -12.22
CA PHE B 100 -1.49 -18.36 -11.33
C PHE B 100 -1.36 -19.83 -11.73
N TYR B 101 -2.48 -20.46 -12.10
CA TYR B 101 -2.51 -21.90 -12.31
C TYR B 101 -2.42 -22.30 -13.78
N GLY B 102 -2.06 -21.37 -14.66
CA GLY B 102 -1.81 -21.69 -16.05
C GLY B 102 -3.02 -22.22 -16.80
N SER B 103 -4.13 -21.49 -16.71
CA SER B 103 -5.33 -21.87 -17.44
C SER B 103 -5.33 -21.34 -18.87
N GLY B 104 -4.55 -20.30 -19.15
CA GLY B 104 -4.62 -19.60 -20.41
C GLY B 104 -5.68 -18.53 -20.47
N SER B 105 -6.39 -18.28 -19.38
CA SER B 105 -7.43 -17.28 -19.30
C SER B 105 -6.93 -16.04 -18.54
N TYR B 106 -7.49 -14.89 -18.88
CA TYR B 106 -7.27 -13.67 -18.13
C TYR B 106 -8.47 -13.29 -17.28
N TYR B 107 -9.57 -14.04 -17.37
CA TYR B 107 -10.84 -13.67 -16.80
C TYR B 107 -11.28 -14.72 -15.78
N HIS B 108 -11.70 -14.26 -14.60
CA HIS B 108 -12.22 -15.12 -13.54
C HIS B 108 -11.17 -16.13 -13.07
N VAL B 109 -9.90 -15.74 -13.13
CA VAL B 109 -8.81 -16.57 -12.59
C VAL B 109 -7.84 -15.68 -11.85
N PRO B 110 -7.23 -16.20 -10.79
CA PRO B 110 -6.29 -15.39 -10.00
C PRO B 110 -4.98 -15.15 -10.74
N PHE B 111 -4.40 -13.99 -10.50
CA PHE B 111 -3.19 -13.56 -11.18
C PHE B 111 -2.07 -13.31 -10.17
N ASP B 112 -0.83 -13.53 -10.62
CA ASP B 112 0.35 -13.24 -9.83
C ASP B 112 1.37 -12.54 -10.72
N TYR B 113 2.24 -11.77 -10.07
CA TYR B 113 3.07 -10.78 -10.74
C TYR B 113 4.51 -11.25 -10.89
N TRP B 114 5.14 -10.76 -11.95
CA TRP B 114 6.51 -11.12 -12.30
C TRP B 114 7.41 -9.89 -12.24
N GLY B 115 8.70 -10.13 -12.02
CA GLY B 115 9.71 -9.09 -12.07
C GLY B 115 9.50 -7.97 -11.07
N GLN B 116 10.20 -6.85 -11.31
CA GLN B 116 10.13 -5.70 -10.42
C GLN B 116 9.32 -4.54 -10.98
N GLY B 117 9.03 -4.53 -12.26
CA GLY B 117 8.25 -3.46 -12.87
C GLY B 117 9.07 -2.65 -13.86
N ILE B 118 8.37 -2.04 -14.81
CA ILE B 118 8.98 -1.20 -15.84
C ILE B 118 8.53 0.24 -15.60
N LEU B 119 9.48 1.15 -15.42
CA LEU B 119 9.18 2.52 -15.09
C LEU B 119 8.91 3.32 -16.36
N VAL B 120 7.77 4.00 -16.41
CA VAL B 120 7.38 4.85 -17.54
C VAL B 120 7.06 6.24 -17.00
N THR B 121 7.74 7.25 -17.52
CA THR B 121 7.55 8.64 -17.11
C THR B 121 7.19 9.46 -18.33
N VAL B 122 5.97 10.02 -18.34
CA VAL B 122 5.48 10.84 -19.44
C VAL B 122 5.48 12.29 -18.95
N SER B 123 6.31 13.12 -19.59
CA SER B 123 6.44 14.51 -19.17
C SER B 123 6.84 15.36 -20.36
N SER B 124 6.35 16.60 -20.38
CA SER B 124 6.76 17.58 -21.37
C SER B 124 8.05 18.28 -21.01
N ALA B 125 8.54 18.13 -19.79
CA ALA B 125 9.71 18.84 -19.34
C ALA B 125 10.97 18.32 -20.02
N SER B 126 12.00 19.16 -20.04
CA SER B 126 13.30 18.79 -20.57
C SER B 126 14.25 18.49 -19.41
N THR B 127 15.30 17.73 -19.72
CA THR B 127 16.30 17.40 -18.71
C THR B 127 16.94 18.67 -18.17
N LYS B 128 16.89 18.84 -16.85
CA LYS B 128 17.36 20.06 -16.20
C LYS B 128 18.06 19.72 -14.91
N GLY B 129 19.24 20.31 -14.70
CA GLY B 129 19.96 20.17 -13.46
C GLY B 129 19.26 20.90 -12.33
N PRO B 130 19.45 20.42 -11.11
CA PRO B 130 18.77 21.01 -9.96
C PRO B 130 19.49 22.24 -9.43
N SER B 131 18.71 23.09 -8.76
CA SER B 131 19.25 24.19 -7.97
C SER B 131 19.19 23.80 -6.51
N VAL B 132 20.32 23.94 -5.81
CA VAL B 132 20.43 23.54 -4.41
C VAL B 132 20.49 24.81 -3.56
N PHE B 133 19.53 24.94 -2.65
CA PHE B 133 19.49 26.09 -1.76
C PHE B 133 19.69 25.64 -0.31
N PRO B 134 20.25 26.49 0.53
CA PRO B 134 20.41 26.14 1.94
C PRO B 134 19.11 26.30 2.71
N LEU B 135 19.01 25.56 3.80
CA LEU B 135 17.96 25.69 4.81
C LEU B 135 18.72 25.86 6.11
N ALA B 136 18.97 27.12 6.47
CA ALA B 136 19.87 27.52 7.54
C ALA B 136 19.18 27.37 8.90
N PRO B 137 19.90 26.90 9.91
CA PRO B 137 19.32 26.73 11.24
C PRO B 137 19.22 28.06 11.96
N SER B 138 18.68 28.02 13.17
CA SER B 138 18.59 29.18 14.03
C SER B 138 18.63 28.72 15.49
N SER B 139 18.29 29.63 16.40
CA SER B 139 18.38 29.38 17.83
C SER B 139 19.80 28.97 18.23
N THR B 146 18.90 20.98 20.58
CA THR B 146 18.93 20.29 19.30
C THR B 146 18.37 21.16 18.18
N ALA B 147 19.21 21.44 17.19
CA ALA B 147 18.84 22.21 16.01
C ALA B 147 18.80 21.30 14.79
N ALA B 148 18.28 21.86 13.70
CA ALA B 148 18.14 21.14 12.43
C ALA B 148 18.47 22.09 11.29
N LEU B 149 19.16 21.56 10.29
CA LEU B 149 19.48 22.32 9.09
C LEU B 149 19.29 21.43 7.88
N GLY B 150 19.55 21.94 6.68
CA GLY B 150 19.49 21.07 5.53
C GLY B 150 19.61 21.80 4.21
N CYS B 151 19.18 21.10 3.16
CA CYS B 151 19.26 21.59 1.79
C CYS B 151 17.95 21.31 1.06
N LEU B 152 17.65 22.16 0.08
CA LEU B 152 16.46 22.07 -0.74
C LEU B 152 16.90 21.90 -2.20
N VAL B 153 16.61 20.74 -2.78
CA VAL B 153 16.95 20.44 -4.16
C VAL B 153 15.71 20.72 -5.01
N LYS B 154 15.78 21.70 -5.91
CA LYS B 154 14.60 22.24 -6.55
C LYS B 154 14.76 22.31 -8.07
N ASP B 155 13.66 22.07 -8.78
CA ASP B 155 13.55 22.30 -10.22
C ASP B 155 14.57 21.45 -10.99
N TYR B 156 14.41 20.14 -10.90
CA TYR B 156 15.19 19.19 -11.67
C TYR B 156 14.27 18.19 -12.35
N PHE B 157 14.78 17.60 -13.43
CA PHE B 157 14.07 16.59 -14.19
C PHE B 157 15.08 15.79 -14.98
N PRO B 158 14.98 14.45 -15.02
CA PRO B 158 13.98 13.70 -14.27
C PRO B 158 14.51 13.09 -12.99
N GLU B 159 13.71 12.24 -12.35
CA GLU B 159 14.16 11.51 -11.19
C GLU B 159 15.28 10.55 -11.60
N PRO B 160 16.20 10.22 -10.68
CA PRO B 160 16.28 10.71 -9.30
C PRO B 160 17.49 11.60 -9.03
N VAL B 161 17.71 11.93 -7.77
CA VAL B 161 18.92 12.63 -7.33
C VAL B 161 19.46 11.93 -6.11
N THR B 162 20.78 11.94 -5.95
CA THR B 162 21.44 11.38 -4.79
C THR B 162 21.95 12.52 -3.93
N VAL B 163 21.54 12.55 -2.67
CA VAL B 163 21.93 13.59 -1.74
C VAL B 163 22.66 12.94 -0.58
N SER B 164 23.95 13.23 -0.45
CA SER B 164 24.75 12.78 0.68
C SER B 164 25.15 13.98 1.52
N TRP B 165 25.69 13.69 2.71
CA TRP B 165 26.14 14.73 3.63
C TRP B 165 27.60 14.49 3.99
N ASN B 166 28.45 15.45 3.64
CA ASN B 166 29.90 15.36 3.86
C ASN B 166 30.49 14.12 3.19
N SER B 167 29.98 13.82 1.98
CA SER B 167 30.43 12.66 1.20
C SER B 167 30.28 11.34 1.96
N GLY B 168 29.30 11.26 2.85
CA GLY B 168 29.03 10.06 3.60
C GLY B 168 29.50 10.07 5.04
N ALA B 169 30.26 11.09 5.45
CA ALA B 169 30.77 11.15 6.81
C ALA B 169 29.68 11.41 7.84
N LEU B 170 28.53 11.95 7.42
CA LEU B 170 27.42 12.24 8.32
C LEU B 170 26.22 11.43 7.86
N THR B 171 25.80 10.47 8.70
CA THR B 171 24.63 9.65 8.42
C THR B 171 23.59 9.64 9.53
N SER B 172 23.95 10.00 10.77
CA SER B 172 22.99 10.01 11.85
C SER B 172 22.06 11.22 11.72
N GLY B 173 20.77 10.97 11.94
CA GLY B 173 19.79 12.04 11.89
C GLY B 173 19.51 12.61 10.51
N VAL B 174 19.98 11.95 9.45
CA VAL B 174 19.74 12.42 8.09
C VAL B 174 18.38 11.92 7.62
N HIS B 175 17.56 12.83 7.13
CA HIS B 175 16.27 12.50 6.54
C HIS B 175 16.19 13.11 5.16
N THR B 176 16.25 12.29 4.13
CA THR B 176 16.06 12.75 2.75
C THR B 176 14.66 12.33 2.32
N PHE B 177 13.80 13.31 2.11
CA PHE B 177 12.39 13.08 1.86
C PHE B 177 12.16 12.70 0.40
N PRO B 178 11.05 12.01 0.11
CA PRO B 178 10.69 11.74 -1.29
C PRO B 178 10.48 13.04 -2.06
N ALA B 179 10.78 12.99 -3.35
CA ALA B 179 10.59 14.16 -4.20
C ALA B 179 9.12 14.41 -4.46
N VAL B 180 8.81 15.61 -4.96
CA VAL B 180 7.45 16.00 -5.26
C VAL B 180 7.40 16.63 -6.65
N LEU B 181 6.33 16.32 -7.39
CA LEU B 181 6.12 16.86 -8.73
C LEU B 181 5.37 18.19 -8.58
N GLN B 182 5.95 19.27 -9.11
CA GLN B 182 5.35 20.60 -8.99
C GLN B 182 4.47 20.90 -10.22
N SER B 183 3.89 22.11 -10.21
CA SER B 183 3.03 22.51 -11.32
C SER B 183 3.81 22.63 -12.62
N SER B 184 5.09 22.97 -12.53
CA SER B 184 5.90 23.19 -13.73
C SER B 184 6.28 21.89 -14.43
N GLY B 185 6.18 20.76 -13.74
CA GLY B 185 6.66 19.49 -14.27
C GLY B 185 7.99 19.05 -13.72
N LEU B 186 8.63 19.87 -12.89
CA LEU B 186 9.94 19.57 -12.31
C LEU B 186 9.78 19.05 -10.89
N TYR B 187 10.85 18.43 -10.39
CA TYR B 187 10.83 17.78 -9.09
C TYR B 187 11.56 18.63 -8.04
N SER B 188 11.22 18.37 -6.79
CA SER B 188 11.87 19.05 -5.67
C SER B 188 11.80 18.15 -4.44
N LEU B 189 12.88 18.14 -3.66
CA LEU B 189 12.89 17.42 -2.40
C LEU B 189 13.74 18.17 -1.39
N SER B 190 13.69 17.70 -0.15
CA SER B 190 14.42 18.31 0.95
C SER B 190 15.25 17.24 1.64
N SER B 191 16.40 17.66 2.18
CA SER B 191 17.27 16.78 2.95
C SER B 191 17.67 17.51 4.21
N VAL B 192 17.28 16.98 5.37
CA VAL B 192 17.51 17.65 6.65
C VAL B 192 18.42 16.79 7.51
N VAL B 193 19.14 17.46 8.41
CA VAL B 193 19.98 16.82 9.41
C VAL B 193 19.71 17.46 10.76
N THR B 194 19.60 16.62 11.79
CA THR B 194 19.48 17.07 13.17
C THR B 194 20.84 16.98 13.85
N VAL B 195 21.18 18.02 14.60
CA VAL B 195 22.47 18.08 15.30
C VAL B 195 22.25 18.72 16.66
N PRO B 196 23.14 18.45 17.61
CA PRO B 196 23.13 19.22 18.85
C PRO B 196 23.49 20.67 18.58
N SER B 197 22.79 21.57 19.26
CA SER B 197 23.07 23.00 19.11
C SER B 197 24.48 23.34 19.53
N SER B 198 25.07 22.52 20.42
CA SER B 198 26.46 22.74 20.82
C SER B 198 27.41 22.48 19.66
N SER B 199 27.16 21.42 18.88
CA SER B 199 28.01 21.10 17.74
C SER B 199 27.70 21.95 16.52
N LEU B 200 26.50 22.53 16.44
CA LEU B 200 26.19 23.48 15.37
C LEU B 200 27.22 24.60 15.34
N GLY B 201 27.66 25.04 16.50
CA GLY B 201 28.72 26.03 16.58
C GLY B 201 30.02 25.54 15.99
N THR B 202 30.44 26.16 14.89
CA THR B 202 31.76 26.04 14.28
C THR B 202 32.00 24.73 13.54
N GLN B 203 30.97 24.04 13.04
CA GLN B 203 31.20 22.88 12.19
C GLN B 203 30.55 23.10 10.83
N THR B 204 31.27 22.67 9.78
CA THR B 204 30.86 22.93 8.40
C THR B 204 30.02 21.76 7.90
N TYR B 205 28.82 22.05 7.40
CA TYR B 205 27.88 21.02 6.96
C TYR B 205 27.68 21.16 5.45
N ILE B 206 27.94 20.07 4.73
CA ILE B 206 27.94 20.03 3.27
C ILE B 206 26.86 19.06 2.82
N CYS B 207 26.06 19.48 1.83
CA CYS B 207 25.18 18.57 1.12
C CYS B 207 25.68 18.41 -0.30
N ASN B 208 25.89 17.16 -0.70
CA ASN B 208 26.38 16.80 -2.03
C ASN B 208 25.19 16.27 -2.82
N VAL B 209 24.74 17.05 -3.80
CA VAL B 209 23.65 16.68 -4.68
C VAL B 209 24.25 16.23 -6.00
N ASN B 210 23.86 15.03 -6.45
CA ASN B 210 24.30 14.50 -7.74
C ASN B 210 23.09 14.09 -8.54
N HIS B 211 22.94 14.68 -9.72
CA HIS B 211 21.84 14.40 -10.65
C HIS B 211 22.47 13.94 -11.96
N LYS B 212 22.56 12.63 -12.15
CA LYS B 212 23.25 12.03 -13.29
C LYS B 212 22.55 12.26 -14.63
N PRO B 213 21.21 12.23 -14.72
CA PRO B 213 20.58 12.57 -16.01
C PRO B 213 20.98 13.93 -16.54
N SER B 214 21.30 14.87 -15.65
CA SER B 214 21.83 16.17 -16.06
C SER B 214 23.34 16.23 -15.99
N ASN B 215 23.99 15.21 -15.41
CA ASN B 215 25.42 15.22 -15.13
C ASN B 215 25.80 16.44 -14.30
N THR B 216 25.10 16.62 -13.19
CA THR B 216 25.29 17.75 -12.29
C THR B 216 25.75 17.26 -10.93
N LYS B 217 26.70 17.96 -10.32
CA LYS B 217 27.15 17.68 -8.97
C LYS B 217 27.42 19.00 -8.26
N VAL B 218 26.65 19.27 -7.21
CA VAL B 218 26.75 20.51 -6.44
C VAL B 218 27.07 20.16 -5.00
N ASP B 219 28.00 20.90 -4.40
CA ASP B 219 28.41 20.69 -3.02
C ASP B 219 28.13 22.00 -2.27
N LYS B 220 26.96 22.08 -1.66
CA LYS B 220 26.54 23.31 -1.00
C LYS B 220 26.79 23.24 0.50
N LYS B 221 27.37 24.30 1.04
CA LYS B 221 27.62 24.42 2.46
C LYS B 221 26.51 25.25 3.10
N VAL B 222 25.99 24.77 4.23
CA VAL B 222 24.91 25.44 4.94
C VAL B 222 25.49 26.10 6.19
N GLU B 223 25.15 27.37 6.40
CA GLU B 223 25.73 28.17 7.47
C GLU B 223 24.65 28.83 8.31
N PRO B 224 24.88 28.96 9.62
CA PRO B 224 23.90 29.62 10.48
C PRO B 224 23.85 31.13 10.27
N LYS B 225 23.36 31.55 9.11
CA LYS B 225 23.27 32.97 8.79
C LYS B 225 22.13 33.63 9.56
N GLU C 1 -18.15 1.40 -12.04
CA GLU C 1 -17.35 0.23 -11.69
C GLU C 1 -17.47 -0.09 -10.21
N ILE C 2 -16.96 -1.26 -9.81
CA ILE C 2 -17.02 -1.70 -8.43
C ILE C 2 -15.87 -1.05 -7.67
N VAL C 3 -16.20 -0.17 -6.73
CA VAL C 3 -15.21 0.52 -5.92
C VAL C 3 -14.95 -0.29 -4.67
N LEU C 4 -13.66 -0.48 -4.35
CA LEU C 4 -13.24 -1.22 -3.16
C LEU C 4 -12.56 -0.27 -2.18
N THR C 5 -13.03 -0.27 -0.94
CA THR C 5 -12.40 0.48 0.14
C THR C 5 -11.83 -0.49 1.17
N GLN C 6 -10.84 -0.04 1.91
CA GLN C 6 -10.16 -0.90 2.87
C GLN C 6 -10.08 -0.22 4.23
N SER C 7 -10.22 -1.03 5.28
CA SER C 7 -10.18 -0.55 6.65
C SER C 7 -9.26 -1.41 7.49
N PRO C 8 -8.42 -0.79 8.34
CA PRO C 8 -8.29 0.67 8.35
C PRO C 8 -7.26 1.15 7.32
N GLY C 9 -6.95 2.44 7.33
CA GLY C 9 -5.91 2.93 6.43
C GLY C 9 -4.53 2.47 6.87
N THR C 10 -4.23 2.60 8.17
CA THR C 10 -2.95 2.20 8.73
C THR C 10 -3.19 1.34 9.96
N LEU C 11 -2.54 0.19 10.02
CA LEU C 11 -2.63 -0.73 11.14
C LEU C 11 -1.36 -0.67 11.95
N SER C 12 -1.48 -0.41 13.25
CA SER C 12 -0.33 -0.26 14.15
C SER C 12 -0.34 -1.40 15.15
N LEU C 13 0.56 -2.37 14.94
CA LEU C 13 0.61 -3.56 15.77
C LEU C 13 2.06 -3.92 16.05
N SER C 14 2.24 -4.82 17.02
CA SER C 14 3.55 -5.30 17.43
C SER C 14 3.88 -6.61 16.74
N PRO C 15 5.17 -6.97 16.66
CA PRO C 15 5.52 -8.28 16.12
C PRO C 15 4.87 -9.40 16.91
N GLY C 16 4.46 -10.45 16.19
CA GLY C 16 3.84 -11.61 16.80
C GLY C 16 2.37 -11.50 17.09
N GLU C 17 1.77 -10.34 16.88
CA GLU C 17 0.34 -10.15 17.13
C GLU C 17 -0.47 -10.54 15.89
N ARG C 18 -1.79 -10.64 16.08
CA ARG C 18 -2.68 -11.01 15.00
C ARG C 18 -3.33 -9.77 14.39
N ALA C 19 -3.60 -9.83 13.09
CA ALA C 19 -4.08 -8.69 12.34
C ALA C 19 -5.34 -9.06 11.55
N THR C 20 -6.25 -8.11 11.44
CA THR C 20 -7.53 -8.28 10.75
C THR C 20 -7.74 -7.09 9.82
N LEU C 21 -7.75 -7.35 8.52
CA LEU C 21 -7.89 -6.30 7.51
C LEU C 21 -9.21 -6.49 6.76
N SER C 22 -9.94 -5.39 6.55
CA SER C 22 -11.28 -5.43 5.99
C SER C 22 -11.31 -4.79 4.60
N CYS C 23 -12.07 -5.41 3.70
CA CYS C 23 -12.31 -4.89 2.36
C CYS C 23 -13.80 -4.83 2.13
N ARG C 24 -14.28 -3.70 1.61
CA ARG C 24 -15.70 -3.52 1.32
C ARG C 24 -15.85 -3.08 -0.13
N ALA C 25 -16.93 -3.54 -0.77
CA ALA C 25 -17.19 -3.26 -2.17
C ALA C 25 -18.42 -2.35 -2.31
N SER C 26 -18.46 -1.59 -3.40
CA SER C 26 -19.59 -0.71 -3.64
C SER C 26 -20.85 -1.51 -3.96
N GLN C 27 -20.70 -2.71 -4.53
CA GLN C 27 -21.81 -3.62 -4.77
C GLN C 27 -21.34 -5.04 -4.50
N SER C 28 -22.28 -5.98 -4.54
CA SER C 28 -21.96 -7.36 -4.21
C SER C 28 -20.98 -7.94 -5.23
N VAL C 29 -19.89 -8.50 -4.73
CA VAL C 29 -18.87 -9.15 -5.56
C VAL C 29 -18.96 -10.65 -5.35
N SER C 30 -18.81 -11.41 -6.43
CA SER C 30 -18.84 -12.87 -6.32
C SER C 30 -17.71 -13.33 -5.41
N ARG C 31 -18.05 -14.22 -4.47
CA ARG C 31 -17.07 -14.68 -3.49
C ARG C 31 -15.89 -15.37 -4.16
N SER C 32 -16.09 -15.87 -5.37
CA SER C 32 -15.08 -16.67 -6.07
C SER C 32 -13.97 -15.83 -6.67
N TYR C 33 -14.18 -14.52 -6.84
CA TYR C 33 -13.21 -13.71 -7.57
C TYR C 33 -12.74 -12.52 -6.74
N LEU C 34 -12.31 -12.79 -5.51
CA LEU C 34 -11.71 -11.77 -4.67
C LEU C 34 -10.36 -12.29 -4.17
N ALA C 35 -9.35 -11.43 -4.23
CA ALA C 35 -7.99 -11.78 -3.90
C ALA C 35 -7.40 -10.77 -2.93
N TRP C 36 -6.39 -11.21 -2.19
CA TRP C 36 -5.56 -10.36 -1.35
C TRP C 36 -4.11 -10.50 -1.78
N TYR C 37 -3.48 -9.37 -2.07
CA TYR C 37 -2.07 -9.28 -2.43
C TYR C 37 -1.29 -8.55 -1.36
N GLN C 38 -0.02 -8.91 -1.21
CA GLN C 38 0.91 -8.24 -0.31
C GLN C 38 2.01 -7.57 -1.14
N GLN C 39 2.36 -6.34 -0.75
CA GLN C 39 3.43 -5.59 -1.41
C GLN C 39 4.38 -5.06 -0.35
N LYS C 40 5.64 -5.48 -0.45
CA LYS C 40 6.73 -4.92 0.35
C LYS C 40 7.38 -3.77 -0.41
N ARG C 41 8.17 -2.99 0.30
CA ARG C 41 8.80 -1.81 -0.31
C ARG C 41 9.71 -2.23 -1.46
N GLY C 42 9.48 -1.61 -2.62
CA GLY C 42 10.27 -1.90 -3.81
C GLY C 42 9.95 -3.21 -4.49
N GLN C 43 9.05 -4.02 -3.93
CA GLN C 43 8.71 -5.31 -4.51
C GLN C 43 7.38 -5.23 -5.27
N ALA C 44 7.22 -6.16 -6.21
CA ALA C 44 5.96 -6.30 -6.90
C ALA C 44 4.94 -6.93 -5.97
N PRO C 45 3.64 -6.72 -6.23
CA PRO C 45 2.61 -7.37 -5.42
C PRO C 45 2.75 -8.89 -5.46
N ARG C 46 2.26 -9.53 -4.40
CA ARG C 46 2.43 -10.95 -4.18
C ARG C 46 1.07 -11.54 -3.81
N LEU C 47 0.59 -12.46 -4.65
CA LEU C 47 -0.72 -13.06 -4.43
C LEU C 47 -0.71 -13.88 -3.15
N LEU C 48 -1.54 -13.48 -2.18
CA LEU C 48 -1.73 -14.23 -0.95
C LEU C 48 -2.97 -15.12 -1.02
N ILE C 49 -4.14 -14.51 -1.19
CA ILE C 49 -5.41 -15.23 -1.13
C ILE C 49 -6.18 -15.03 -2.43
N TYR C 50 -6.84 -16.08 -2.89
CA TYR C 50 -7.75 -15.98 -4.02
C TYR C 50 -9.03 -16.74 -3.68
N GLY C 51 -10.11 -16.40 -4.38
CA GLY C 51 -11.40 -16.99 -4.07
C GLY C 51 -11.88 -16.73 -2.67
N ALA C 52 -11.55 -15.56 -2.12
CA ALA C 52 -11.94 -15.12 -0.78
C ALA C 52 -11.28 -15.92 0.33
N SER C 53 -11.21 -17.25 0.19
CA SER C 53 -10.73 -18.09 1.27
C SER C 53 -9.65 -19.09 0.87
N SER C 54 -9.34 -19.24 -0.42
CA SER C 54 -8.34 -20.19 -0.86
C SER C 54 -6.95 -19.56 -0.81
N ARG C 55 -6.00 -20.31 -0.28
CA ARG C 55 -4.63 -19.84 -0.12
C ARG C 55 -3.80 -20.25 -1.32
N ALA C 56 -3.07 -19.30 -1.89
CA ALA C 56 -2.24 -19.58 -3.05
C ALA C 56 -1.11 -20.53 -2.69
N THR C 57 -0.58 -21.21 -3.70
CA THR C 57 0.50 -22.18 -3.49
C THR C 57 1.74 -21.49 -2.96
N GLY C 58 2.33 -22.06 -1.91
CA GLY C 58 3.52 -21.50 -1.31
C GLY C 58 3.29 -20.38 -0.33
N ILE C 59 2.06 -20.14 0.09
CA ILE C 59 1.72 -19.08 1.02
C ILE C 59 1.56 -19.68 2.41
N PRO C 60 2.21 -19.13 3.44
CA PRO C 60 2.12 -19.73 4.77
C PRO C 60 0.70 -19.74 5.30
N ASP C 61 0.41 -20.73 6.14
CA ASP C 61 -0.93 -20.92 6.70
C ASP C 61 -1.32 -19.81 7.68
N ARG C 62 -0.38 -18.94 8.08
CA ARG C 62 -0.73 -17.82 8.94
C ARG C 62 -1.61 -16.80 8.22
N PHE C 63 -1.63 -16.84 6.89
CA PHE C 63 -2.55 -16.03 6.09
C PHE C 63 -3.83 -16.82 5.83
N SER C 64 -4.97 -16.23 6.20
CA SER C 64 -6.26 -16.82 5.87
C SER C 64 -7.22 -15.68 5.59
N GLY C 65 -8.46 -16.03 5.26
CA GLY C 65 -9.45 -15.00 5.00
C GLY C 65 -10.72 -15.62 4.49
N ASP C 66 -11.75 -14.79 4.41
CA ASP C 66 -13.05 -15.21 3.90
C ASP C 66 -13.89 -13.96 3.64
N GLY C 67 -15.20 -14.15 3.51
CA GLY C 67 -16.11 -13.05 3.25
C GLY C 67 -17.10 -13.37 2.15
N SER C 68 -18.01 -12.44 1.87
CA SER C 68 -19.00 -12.62 0.81
C SER C 68 -19.65 -11.28 0.49
N GLY C 69 -20.36 -11.28 -0.64
CA GLY C 69 -21.10 -10.11 -1.10
C GLY C 69 -20.33 -8.81 -1.06
N THR C 70 -20.53 -8.04 0.02
CA THR C 70 -19.95 -6.71 0.14
C THR C 70 -18.72 -6.67 1.04
N ASP C 71 -18.54 -7.62 1.94
CA ASP C 71 -17.49 -7.52 2.95
C ASP C 71 -16.60 -8.75 2.94
N PHE C 72 -15.29 -8.53 2.99
CA PHE C 72 -14.31 -9.59 3.02
C PHE C 72 -13.23 -9.24 4.04
N THR C 73 -12.52 -10.27 4.50
CA THR C 73 -11.56 -10.12 5.58
C THR C 73 -10.33 -10.97 5.31
N LEU C 74 -9.15 -10.37 5.53
CA LEU C 74 -7.88 -11.06 5.53
C LEU C 74 -7.34 -11.09 6.95
N SER C 75 -7.09 -12.30 7.46
CA SER C 75 -6.56 -12.51 8.81
C SER C 75 -5.13 -13.00 8.75
N ILE C 76 -4.29 -12.43 9.62
CA ILE C 76 -2.90 -12.84 9.77
C ILE C 76 -2.73 -13.28 11.22
N SER C 77 -2.44 -14.57 11.42
CA SER C 77 -2.47 -15.14 12.77
C SER C 77 -1.32 -14.62 13.64
N ARG C 78 -0.15 -14.38 13.05
CA ARG C 78 0.96 -13.78 13.77
C ARG C 78 1.83 -13.00 12.79
N LEU C 79 2.24 -11.80 13.20
CA LEU C 79 2.96 -10.89 12.32
C LEU C 79 4.46 -11.19 12.38
N GLU C 80 4.98 -11.76 11.29
CA GLU C 80 6.42 -11.88 11.11
C GLU C 80 6.99 -10.57 10.60
N PRO C 81 8.28 -10.31 10.81
CA PRO C 81 8.84 -8.99 10.45
C PRO C 81 8.66 -8.63 8.98
N GLU C 82 8.56 -9.63 8.09
CA GLU C 82 8.33 -9.35 6.67
C GLU C 82 6.90 -8.93 6.37
N ASP C 83 5.97 -9.07 7.33
CA ASP C 83 4.56 -8.82 7.07
C ASP C 83 4.14 -7.38 7.30
N PHE C 84 5.01 -6.54 7.86
CA PHE C 84 4.70 -5.12 8.03
C PHE C 84 4.86 -4.44 6.67
N ALA C 85 3.85 -4.61 5.83
CA ALA C 85 3.90 -4.14 4.45
C ALA C 85 2.53 -3.57 4.09
N VAL C 86 2.25 -3.48 2.79
CA VAL C 86 0.96 -2.99 2.31
C VAL C 86 0.16 -4.18 1.80
N TYR C 87 -1.15 -4.11 1.98
CA TYR C 87 -2.05 -5.19 1.57
C TYR C 87 -3.20 -4.62 0.75
N TYR C 88 -3.39 -5.17 -0.44
CA TYR C 88 -4.46 -4.76 -1.34
C TYR C 88 -5.49 -5.88 -1.47
N CYS C 89 -6.76 -5.52 -1.49
CA CYS C 89 -7.80 -6.42 -1.96
C CYS C 89 -8.13 -6.11 -3.41
N HIS C 90 -8.57 -7.14 -4.13
CA HIS C 90 -8.71 -7.06 -5.58
C HIS C 90 -9.90 -7.87 -6.01
N GLN C 91 -10.80 -7.25 -6.78
CA GLN C 91 -11.94 -7.95 -7.35
C GLN C 91 -11.70 -8.14 -8.84
N TYR C 92 -11.88 -9.37 -9.30
CA TYR C 92 -11.82 -9.70 -10.72
C TYR C 92 -13.10 -10.40 -11.15
N ASP C 93 -14.22 -10.03 -10.52
CA ASP C 93 -15.53 -10.55 -10.90
C ASP C 93 -16.07 -9.84 -12.13
N MET C 94 -16.04 -8.50 -12.12
CA MET C 94 -16.62 -7.70 -13.18
C MET C 94 -15.56 -6.75 -13.72
N SER C 95 -15.42 -6.72 -15.04
CA SER C 95 -14.47 -5.80 -15.66
C SER C 95 -15.04 -4.38 -15.61
N PRO C 96 -14.20 -3.37 -15.33
CA PRO C 96 -12.76 -3.49 -15.06
C PRO C 96 -12.45 -4.00 -13.65
N PHE C 97 -11.36 -4.75 -13.53
CA PHE C 97 -10.95 -5.29 -12.25
C PHE C 97 -10.29 -4.20 -11.42
N THR C 98 -10.75 -4.04 -10.18
CA THR C 98 -10.36 -2.93 -9.34
C THR C 98 -9.66 -3.39 -8.07
N PHE C 99 -8.87 -2.49 -7.50
CA PHE C 99 -8.16 -2.70 -6.26
C PHE C 99 -8.62 -1.69 -5.21
N GLY C 100 -8.45 -2.06 -3.95
CA GLY C 100 -8.62 -1.11 -2.87
C GLY C 100 -7.43 -0.19 -2.77
N PRO C 101 -7.59 0.87 -1.97
CA PRO C 101 -6.47 1.81 -1.78
C PRO C 101 -5.29 1.21 -1.03
N GLY C 102 -5.50 0.16 -0.25
CA GLY C 102 -4.43 -0.51 0.42
C GLY C 102 -4.42 -0.22 1.92
N THR C 103 -3.94 -1.19 2.69
CA THR C 103 -3.77 -1.05 4.12
C THR C 103 -2.32 -1.30 4.49
N LYS C 104 -1.70 -0.36 5.20
CA LYS C 104 -0.33 -0.49 5.65
C LYS C 104 -0.30 -0.96 7.10
N VAL C 105 0.61 -1.88 7.39
CA VAL C 105 0.84 -2.35 8.75
C VAL C 105 2.21 -1.85 9.18
N ASP C 106 2.24 -1.00 10.20
CA ASP C 106 3.49 -0.42 10.68
C ASP C 106 3.77 -0.86 12.11
N ILE C 107 5.04 -0.75 12.50
CA ILE C 107 5.46 -1.13 13.85
C ILE C 107 4.87 -0.16 14.86
N LYS C 108 4.28 -0.71 15.92
CA LYS C 108 3.71 0.09 16.99
C LYS C 108 4.78 0.43 18.02
N ARG C 109 4.74 1.68 18.50
CA ARG C 109 5.65 2.13 19.54
C ARG C 109 4.94 3.21 20.36
N THR C 110 5.69 3.88 21.23
CA THR C 110 5.12 4.89 22.09
C THR C 110 4.96 6.21 21.35
N VAL C 111 4.08 7.06 21.88
CA VAL C 111 3.78 8.34 21.24
C VAL C 111 4.98 9.27 21.37
N ALA C 112 5.42 9.83 20.25
CA ALA C 112 6.47 10.83 20.23
C ALA C 112 5.93 12.07 19.53
N ALA C 113 6.00 13.21 20.20
CA ALA C 113 5.55 14.46 19.60
C ALA C 113 6.57 14.93 18.57
N PRO C 114 6.12 15.58 17.50
CA PRO C 114 7.05 16.02 16.45
C PRO C 114 7.84 17.23 16.90
N SER C 115 9.12 17.25 16.51
CA SER C 115 9.96 18.44 16.67
C SER C 115 9.75 19.32 15.45
N VAL C 116 9.34 20.56 15.69
CA VAL C 116 8.94 21.47 14.62
C VAL C 116 10.06 22.48 14.38
N PHE C 117 10.42 22.66 13.11
CA PHE C 117 11.42 23.65 12.72
C PHE C 117 10.92 24.37 11.47
N ILE C 118 11.39 25.59 11.28
CA ILE C 118 11.02 26.38 10.11
C ILE C 118 12.28 26.96 9.48
N PHE C 119 12.28 27.06 8.16
CA PHE C 119 13.43 27.54 7.40
C PHE C 119 12.93 28.58 6.40
N PRO C 120 13.37 29.82 6.50
CA PRO C 120 12.96 30.86 5.56
C PRO C 120 13.73 30.75 4.26
N PRO C 121 13.24 31.35 3.17
CA PRO C 121 13.95 31.26 1.89
C PRO C 121 15.26 32.05 1.92
N SER C 122 16.26 31.51 1.22
CA SER C 122 17.55 32.16 1.13
C SER C 122 17.51 33.29 0.11
N ASP C 123 18.39 34.28 0.31
CA ASP C 123 18.50 35.37 -0.66
C ASP C 123 18.93 34.85 -2.03
N GLU C 124 19.69 33.76 -2.07
CA GLU C 124 20.05 33.13 -3.33
C GLU C 124 18.81 32.75 -4.12
N GLN C 125 17.90 32.01 -3.49
CA GLN C 125 16.64 31.67 -4.14
C GLN C 125 15.76 32.90 -4.30
N LEU C 126 15.85 33.85 -3.38
CA LEU C 126 15.00 35.04 -3.43
C LEU C 126 15.25 35.84 -4.70
N LYS C 127 16.52 36.02 -5.07
CA LYS C 127 16.84 36.77 -6.28
C LYS C 127 16.41 36.06 -7.55
N SER C 128 16.09 34.77 -7.49
CA SER C 128 15.62 34.07 -8.67
C SER C 128 14.20 34.48 -9.04
N GLY C 129 13.43 34.96 -8.07
CA GLY C 129 12.03 35.31 -8.28
C GLY C 129 11.05 34.37 -7.61
N THR C 130 11.51 33.50 -6.71
CA THR C 130 10.65 32.55 -6.03
C THR C 130 11.22 32.30 -4.65
N ALA C 131 10.33 32.05 -3.68
CA ALA C 131 10.71 31.83 -2.30
C ALA C 131 10.02 30.58 -1.80
N SER C 132 10.78 29.70 -1.15
CA SER C 132 10.27 28.46 -0.58
C SER C 132 10.55 28.47 0.91
N VAL C 133 9.50 28.43 1.71
CA VAL C 133 9.63 28.32 3.16
C VAL C 133 9.30 26.88 3.55
N VAL C 134 10.15 26.29 4.39
CA VAL C 134 10.08 24.86 4.67
C VAL C 134 9.79 24.64 6.15
N CYS C 135 8.78 23.83 6.43
CA CYS C 135 8.45 23.43 7.79
C CYS C 135 8.76 21.95 7.95
N LEU C 136 9.43 21.60 9.04
CA LEU C 136 9.90 20.24 9.27
C LEU C 136 9.33 19.70 10.57
N LEU C 137 8.70 18.53 10.49
CA LEU C 137 8.25 17.77 11.64
C LEU C 137 9.15 16.55 11.75
N ASN C 138 9.82 16.40 12.90
CA ASN C 138 10.88 15.41 13.04
C ASN C 138 10.54 14.41 14.15
N ASN C 139 10.69 13.12 13.83
CA ASN C 139 10.67 12.01 14.79
C ASN C 139 9.39 12.02 15.63
N PHE C 140 8.28 11.71 14.96
CA PHE C 140 6.99 11.65 15.63
C PHE C 140 6.30 10.33 15.34
N TYR C 141 5.40 9.95 16.26
CA TYR C 141 4.57 8.77 16.15
C TYR C 141 3.34 8.99 17.01
N PRO C 142 2.14 8.59 16.57
CA PRO C 142 1.85 7.92 15.29
C PRO C 142 1.90 8.86 14.09
N ARG C 143 1.49 8.34 12.94
CA ARG C 143 1.75 9.03 11.67
C ARG C 143 0.87 10.27 11.50
N GLU C 144 -0.31 10.30 12.11
CA GLU C 144 -1.29 11.34 11.84
C GLU C 144 -0.83 12.68 12.44
N ALA C 145 -0.72 13.70 11.59
CA ALA C 145 -0.36 15.04 12.00
C ALA C 145 -0.83 16.02 10.95
N LYS C 146 -1.16 17.23 11.38
CA LYS C 146 -1.67 18.26 10.47
C LYS C 146 -0.79 19.50 10.52
N VAL C 147 -0.48 20.03 9.33
CA VAL C 147 0.34 21.22 9.16
C VAL C 147 -0.51 22.28 8.47
N GLN C 148 -0.51 23.49 9.01
CA GLN C 148 -1.23 24.61 8.43
C GLN C 148 -0.29 25.79 8.25
N TRP C 149 -0.33 26.41 7.08
CA TRP C 149 0.49 27.58 6.78
C TRP C 149 -0.29 28.86 7.03
N LYS C 150 0.31 29.79 7.78
CA LYS C 150 -0.29 31.09 8.03
C LYS C 150 0.67 32.18 7.59
N VAL C 151 0.21 33.04 6.69
CA VAL C 151 0.97 34.20 6.21
C VAL C 151 0.26 35.44 6.76
N ASP C 152 0.92 36.14 7.68
CA ASP C 152 0.29 37.21 8.46
C ASP C 152 -1.00 36.73 9.12
N ASN C 153 -0.93 35.53 9.71
CA ASN C 153 -2.05 34.92 10.42
C ASN C 153 -3.25 34.70 9.50
N ALA C 154 -2.98 34.12 8.32
CA ALA C 154 -4.03 33.84 7.35
C ALA C 154 -3.77 32.47 6.73
N LEU C 155 -4.75 31.59 6.80
CA LEU C 155 -4.56 30.22 6.35
C LEU C 155 -4.34 30.15 4.85
N GLN C 156 -3.28 29.45 4.45
CA GLN C 156 -2.97 29.25 3.04
C GLN C 156 -3.51 27.90 2.58
N SER C 157 -3.77 27.81 1.27
CA SER C 157 -4.29 26.58 0.70
C SER C 157 -4.00 26.57 -0.80
N GLY C 158 -3.74 25.37 -1.33
CA GLY C 158 -3.47 25.19 -2.73
C GLY C 158 -2.06 25.50 -3.17
N ASN C 159 -1.19 25.94 -2.26
CA ASN C 159 0.18 26.33 -2.60
C ASN C 159 1.22 25.63 -1.74
N SER C 160 0.85 24.57 -1.05
CA SER C 160 1.76 23.83 -0.17
C SER C 160 1.86 22.38 -0.61
N GLN C 161 3.04 21.79 -0.42
CA GLN C 161 3.25 20.39 -0.76
C GLN C 161 3.98 19.68 0.37
N GLU C 162 3.47 18.52 0.77
CA GLU C 162 4.01 17.77 1.89
C GLU C 162 4.68 16.49 1.42
N SER C 163 5.65 16.02 2.20
CA SER C 163 6.35 14.78 1.90
C SER C 163 6.69 14.09 3.21
N VAL C 164 6.43 12.78 3.27
CA VAL C 164 6.62 11.99 4.48
C VAL C 164 7.64 10.88 4.19
N THR C 165 8.52 10.63 5.16
CA THR C 165 9.49 9.55 5.06
C THR C 165 8.82 8.21 5.41
N GLU C 166 9.60 7.15 5.31
CA GLU C 166 9.14 5.83 5.73
C GLU C 166 9.44 5.64 7.21
N GLN C 167 8.72 4.70 7.83
CA GLN C 167 8.93 4.43 9.24
C GLN C 167 10.37 3.99 9.48
N ASP C 168 11.04 4.70 10.38
CA ASP C 168 12.47 4.50 10.58
C ASP C 168 12.77 3.08 11.06
N SER C 169 13.88 2.52 10.57
CA SER C 169 14.23 1.15 10.90
C SER C 169 14.56 0.98 12.37
N LYS C 170 15.05 2.04 13.02
CA LYS C 170 15.39 2.00 14.44
C LYS C 170 14.43 2.82 15.30
N ASP C 171 14.00 3.98 14.82
CA ASP C 171 13.13 4.84 15.61
C ASP C 171 11.69 4.34 15.63
N SER C 172 11.24 3.74 14.53
CA SER C 172 9.83 3.48 14.25
C SER C 172 9.02 4.78 14.20
N THR C 173 9.68 5.90 13.94
CA THR C 173 9.03 7.20 13.85
C THR C 173 8.98 7.67 12.40
N TYR C 174 8.23 8.74 12.19
CA TYR C 174 8.09 9.35 10.87
C TYR C 174 8.66 10.76 10.91
N SER C 175 8.80 11.33 9.71
CA SER C 175 9.20 12.72 9.55
C SER C 175 8.50 13.28 8.32
N LEU C 176 8.13 14.56 8.41
CA LEU C 176 7.36 15.23 7.38
C LEU C 176 8.02 16.57 7.05
N SER C 177 7.95 16.95 5.79
CA SER C 177 8.46 18.25 5.34
C SER C 177 7.40 18.89 4.45
N SER C 178 6.97 20.08 4.83
CA SER C 178 6.01 20.84 4.04
C SER C 178 6.73 22.04 3.42
N THR C 179 6.46 22.26 2.13
CA THR C 179 7.09 23.34 1.36
C THR C 179 5.99 24.29 0.90
N LEU C 180 6.11 25.55 1.28
CA LEU C 180 5.23 26.61 0.81
C LEU C 180 5.99 27.46 -0.19
N THR C 181 5.47 27.55 -1.41
CA THR C 181 6.15 28.20 -2.52
C THR C 181 5.36 29.45 -2.92
N LEU C 182 6.02 30.61 -2.85
CA LEU C 182 5.40 31.88 -3.24
C LEU C 182 6.35 32.67 -4.11
N SER C 183 5.81 33.33 -5.13
CA SER C 183 6.63 34.20 -5.95
C SER C 183 7.23 35.32 -5.10
N LYS C 184 8.35 35.87 -5.60
CA LYS C 184 9.03 36.94 -4.86
C LYS C 184 8.10 38.11 -4.62
N ALA C 185 7.27 38.45 -5.61
CA ALA C 185 6.34 39.56 -5.47
C ALA C 185 5.38 39.32 -4.30
N ASP C 186 4.75 38.14 -4.26
CA ASP C 186 3.83 37.84 -3.16
C ASP C 186 4.56 37.65 -1.85
N TYR C 187 5.80 37.14 -1.89
CA TYR C 187 6.54 36.91 -0.65
C TYR C 187 6.92 38.22 0.03
N GLU C 188 7.29 39.23 -0.76
CA GLU C 188 7.70 40.51 -0.19
C GLU C 188 6.52 41.38 0.24
N LYS C 189 5.29 40.93 0.03
CA LYS C 189 4.12 41.69 0.46
C LYS C 189 3.78 41.48 1.92
N HIS C 190 4.26 40.41 2.54
CA HIS C 190 3.86 40.04 3.89
C HIS C 190 5.07 39.99 4.81
N LYS C 191 4.78 39.89 6.11
CA LYS C 191 5.77 40.08 7.16
C LYS C 191 6.11 38.78 7.90
N VAL C 192 5.13 38.18 8.56
CA VAL C 192 5.36 37.05 9.45
C VAL C 192 4.87 35.78 8.77
N TYR C 193 5.66 34.72 8.84
CA TYR C 193 5.32 33.43 8.23
C TYR C 193 5.39 32.35 9.29
N ALA C 194 4.34 31.53 9.37
CA ALA C 194 4.23 30.55 10.44
C ALA C 194 3.70 29.22 9.89
N CYS C 195 4.16 28.13 10.49
CA CYS C 195 3.54 26.83 10.31
C CYS C 195 3.06 26.32 11.66
N GLU C 196 1.79 25.94 11.71
CA GLU C 196 1.14 25.44 12.91
C GLU C 196 0.96 23.93 12.77
N VAL C 197 1.44 23.20 13.77
CA VAL C 197 1.48 21.74 13.73
C VAL C 197 0.61 21.20 14.85
N THR C 198 -0.24 20.22 14.52
CA THR C 198 -1.01 19.50 15.54
C THR C 198 -0.81 18.01 15.39
N HIS C 199 -0.75 17.32 16.52
CA HIS C 199 -0.42 15.91 16.60
C HIS C 199 -0.92 15.40 17.95
N GLN C 200 -1.29 14.11 18.00
CA GLN C 200 -1.95 13.58 19.19
C GLN C 200 -1.05 13.58 20.42
N GLY C 201 0.26 13.69 20.25
CA GLY C 201 1.12 13.86 21.39
C GLY C 201 1.26 15.29 21.88
N LEU C 202 0.51 16.22 21.30
CA LEU C 202 0.57 17.63 21.64
C LEU C 202 -0.73 18.05 22.31
N SER C 203 -0.62 18.74 23.44
CA SER C 203 -1.79 19.27 24.12
C SER C 203 -2.28 20.55 23.46
N SER C 204 -1.39 21.30 22.84
CA SER C 204 -1.72 22.51 22.09
C SER C 204 -0.93 22.52 20.79
N PRO C 205 -1.48 23.13 19.74
CA PRO C 205 -0.74 23.22 18.48
C PRO C 205 0.54 24.02 18.64
N VAL C 206 1.62 23.53 18.05
CA VAL C 206 2.93 24.17 18.11
C VAL C 206 3.11 25.01 16.86
N THR C 207 3.27 26.32 17.04
CA THR C 207 3.46 27.23 15.92
C THR C 207 4.91 27.67 15.86
N LYS C 208 5.53 27.49 14.70
CA LYS C 208 6.89 27.98 14.46
C LYS C 208 6.81 29.07 13.40
N SER C 209 7.34 30.24 13.73
CA SER C 209 7.14 31.42 12.90
C SER C 209 8.42 32.25 12.86
N PHE C 210 8.58 32.99 11.77
CA PHE C 210 9.67 33.95 11.62
C PHE C 210 9.15 35.23 11.00
N ASN C 211 9.85 36.33 11.30
CA ASN C 211 9.60 37.62 10.68
C ASN C 211 10.55 37.79 9.49
N ARG C 212 10.01 38.25 8.37
CA ARG C 212 10.81 38.48 7.18
C ARG C 212 11.84 39.59 7.43
N GLY C 213 13.11 39.20 7.58
CA GLY C 213 14.16 40.15 7.84
C GLY C 213 14.90 39.87 9.14
N ILE D 4 -7.27 -42.50 -3.54
CA ILE D 4 -8.20 -43.59 -3.81
C ILE D 4 -7.71 -44.35 -5.05
N GLN D 5 -8.43 -45.40 -5.43
CA GLN D 5 -8.00 -46.25 -6.54
C GLN D 5 -7.92 -45.49 -7.86
N GLY D 6 -8.67 -44.41 -7.99
CA GLY D 6 -8.85 -43.75 -9.26
C GLY D 6 -9.96 -44.31 -10.11
N SER D 7 -10.85 -45.11 -9.52
CA SER D 7 -11.93 -45.74 -10.26
C SER D 7 -13.09 -44.78 -10.42
N ALA D 8 -13.65 -44.71 -11.62
CA ALA D 8 -14.82 -43.90 -11.86
C ALA D 8 -16.08 -44.63 -11.39
N ASN D 9 -17.03 -43.86 -10.87
CA ASN D 9 -18.32 -44.41 -10.45
C ASN D 9 -19.25 -44.68 -11.63
N TYR D 10 -18.75 -44.54 -12.85
CA TYR D 10 -19.50 -44.86 -14.06
C TYR D 10 -18.57 -45.60 -15.01
N GLU D 11 -19.11 -46.03 -16.15
CA GLU D 11 -18.31 -46.62 -17.22
C GLU D 11 -17.96 -45.53 -18.22
N MET D 12 -16.67 -45.28 -18.40
CA MET D 12 -16.20 -44.23 -19.29
C MET D 12 -16.21 -44.62 -20.75
N PHE D 13 -16.70 -45.81 -21.10
CA PHE D 13 -16.54 -46.35 -22.44
C PHE D 13 -17.91 -46.60 -23.06
N ILE D 14 -18.19 -45.91 -24.16
CA ILE D 14 -19.39 -46.13 -24.96
C ILE D 14 -18.95 -46.66 -26.31
N PHE D 15 -19.58 -47.73 -26.77
CA PHE D 15 -19.11 -48.48 -27.93
C PHE D 15 -19.94 -48.20 -29.17
N HIS D 16 -19.31 -47.68 -30.20
CA HIS D 16 -19.86 -47.65 -31.55
C HIS D 16 -19.03 -48.58 -32.41
N ASN D 17 -19.33 -48.61 -33.71
CA ASN D 17 -18.73 -49.61 -34.58
C ASN D 17 -17.23 -49.38 -34.75
N GLY D 18 -16.84 -48.16 -35.11
CA GLY D 18 -15.45 -47.89 -35.45
C GLY D 18 -14.50 -48.00 -34.26
N GLY D 19 -14.75 -47.19 -33.23
CA GLY D 19 -13.85 -47.12 -32.08
C GLY D 19 -14.58 -47.01 -30.78
N VAL D 20 -14.10 -46.12 -29.90
CA VAL D 20 -14.59 -45.99 -28.54
C VAL D 20 -14.79 -44.52 -28.18
N GLN D 21 -15.83 -44.25 -27.38
CA GLN D 21 -16.11 -42.92 -26.86
C GLN D 21 -15.78 -42.92 -25.38
N ILE D 22 -14.76 -42.17 -24.99
CA ILE D 22 -14.35 -42.05 -23.60
C ILE D 22 -15.03 -40.83 -23.01
N LEU D 23 -15.84 -41.05 -21.98
CA LEU D 23 -16.61 -39.99 -21.31
C LEU D 23 -15.86 -39.58 -20.04
N CYS D 24 -15.55 -38.29 -19.93
CA CYS D 24 -14.87 -37.72 -18.76
C CYS D 24 -15.77 -36.63 -18.20
N LYS D 25 -16.38 -36.88 -17.06
CA LYS D 25 -17.31 -35.92 -16.50
C LYS D 25 -16.62 -34.99 -15.50
N TYR D 26 -17.23 -33.83 -15.31
CA TYR D 26 -16.75 -32.82 -14.38
C TYR D 26 -17.97 -32.16 -13.74
N PRO D 27 -17.80 -31.57 -12.56
CA PRO D 27 -18.96 -30.98 -11.85
C PRO D 27 -19.68 -29.93 -12.69
N ASP D 28 -20.99 -29.81 -12.43
CA ASP D 28 -21.83 -28.91 -13.21
C ASP D 28 -21.43 -27.45 -13.03
N ILE D 29 -20.89 -27.09 -11.86
CA ILE D 29 -20.54 -25.70 -11.57
C ILE D 29 -19.26 -25.26 -12.25
N VAL D 30 -18.44 -26.20 -12.74
CA VAL D 30 -17.15 -25.85 -13.31
C VAL D 30 -17.35 -25.01 -14.56
N GLN D 31 -16.68 -23.85 -14.61
CA GLN D 31 -16.72 -22.96 -15.75
C GLN D 31 -15.46 -23.04 -16.61
N GLN D 32 -14.28 -23.07 -16.00
CA GLN D 32 -13.02 -23.13 -16.75
C GLN D 32 -12.16 -24.24 -16.19
N PHE D 33 -11.68 -25.12 -17.08
CA PHE D 33 -10.97 -26.32 -16.67
C PHE D 33 -10.03 -26.77 -17.79
N LYS D 34 -9.14 -27.69 -17.43
CA LYS D 34 -8.36 -28.45 -18.40
C LYS D 34 -8.63 -29.93 -18.18
N MET D 35 -8.90 -30.64 -19.28
CA MET D 35 -9.19 -32.06 -19.24
C MET D 35 -8.16 -32.79 -20.11
N GLN D 36 -7.47 -33.75 -19.51
CA GLN D 36 -6.49 -34.57 -20.22
C GLN D 36 -6.93 -36.03 -20.24
N LEU D 37 -6.67 -36.69 -21.36
CA LEU D 37 -6.87 -38.13 -21.50
C LEU D 37 -5.50 -38.79 -21.44
N LEU D 38 -5.38 -39.81 -20.59
CA LEU D 38 -4.11 -40.47 -20.34
C LEU D 38 -4.27 -41.96 -20.56
N LYS D 39 -3.43 -42.53 -21.43
CA LYS D 39 -3.28 -43.97 -21.58
C LYS D 39 -1.89 -44.35 -21.11
N GLY D 40 -1.81 -45.23 -20.12
CA GLY D 40 -0.53 -45.63 -19.54
C GLY D 40 0.32 -44.48 -19.07
N GLY D 41 -0.28 -43.53 -18.36
CA GLY D 41 0.42 -42.34 -17.93
C GLY D 41 0.94 -41.46 -19.05
N GLN D 42 0.46 -41.66 -20.28
CA GLN D 42 0.91 -40.90 -21.44
C GLN D 42 -0.26 -40.11 -22.02
N ILE D 43 -0.01 -38.85 -22.36
CA ILE D 43 -1.07 -37.93 -22.77
C ILE D 43 -1.48 -38.22 -24.20
N LEU D 44 -2.77 -38.46 -24.42
CA LEU D 44 -3.33 -38.60 -25.75
C LEU D 44 -3.93 -37.29 -26.24
N CYS D 45 -4.73 -36.64 -25.40
CA CYS D 45 -5.43 -35.42 -25.76
C CYS D 45 -5.35 -34.42 -24.62
N ASP D 46 -5.28 -33.14 -24.98
CA ASP D 46 -5.24 -32.05 -24.01
C ASP D 46 -6.28 -31.01 -24.40
N LEU D 47 -7.28 -30.83 -23.53
CA LEU D 47 -8.38 -29.91 -23.78
C LEU D 47 -8.45 -28.90 -22.65
N THR D 48 -8.50 -27.61 -23.01
CA THR D 48 -8.59 -26.53 -22.03
C THR D 48 -9.69 -25.57 -22.47
N LYS D 49 -10.69 -25.37 -21.61
CA LYS D 49 -11.79 -24.47 -21.89
C LYS D 49 -11.63 -23.21 -21.04
N THR D 50 -11.51 -22.06 -21.69
CA THR D 50 -11.45 -20.78 -20.99
C THR D 50 -12.53 -19.86 -21.53
N LYS D 51 -12.80 -18.79 -20.80
CA LYS D 51 -13.79 -17.81 -21.20
C LYS D 51 -13.24 -16.41 -20.95
N GLY D 52 -13.63 -15.48 -21.82
CA GLY D 52 -13.23 -14.10 -21.70
C GLY D 52 -14.28 -13.26 -20.98
N SER D 53 -13.95 -11.98 -20.80
CA SER D 53 -14.86 -11.08 -20.11
C SER D 53 -16.15 -10.85 -20.89
N GLY D 54 -16.16 -11.17 -22.18
CA GLY D 54 -17.38 -11.06 -22.97
C GLY D 54 -18.07 -12.39 -23.15
N ASN D 55 -17.77 -13.34 -22.27
CA ASN D 55 -18.37 -14.68 -22.28
C ASN D 55 -18.08 -15.45 -23.56
N THR D 56 -17.02 -15.09 -24.27
CA THR D 56 -16.58 -15.87 -25.43
C THR D 56 -15.73 -17.05 -24.96
N VAL D 57 -16.02 -18.24 -25.49
CA VAL D 57 -15.37 -19.47 -25.07
C VAL D 57 -14.22 -19.79 -26.01
N SER D 58 -13.06 -20.09 -25.45
CA SER D 58 -11.90 -20.53 -26.20
C SER D 58 -11.57 -21.96 -25.81
N ILE D 59 -11.42 -22.82 -26.83
CA ILE D 59 -11.14 -24.24 -26.63
C ILE D 59 -9.75 -24.50 -27.17
N LYS D 60 -8.79 -24.63 -26.27
CA LYS D 60 -7.39 -24.92 -26.61
C LYS D 60 -7.19 -26.43 -26.66
N SER D 61 -6.78 -26.93 -27.83
CA SER D 61 -6.51 -28.35 -28.03
C SER D 61 -5.32 -28.47 -28.97
N LEU D 62 -4.12 -28.59 -28.41
CA LEU D 62 -2.90 -28.56 -29.21
C LEU D 62 -2.65 -29.89 -29.91
N LYS D 63 -2.67 -31.00 -29.17
CA LYS D 63 -2.58 -32.31 -29.79
C LYS D 63 -3.93 -32.64 -30.43
N PHE D 64 -3.90 -33.05 -31.70
CA PHE D 64 -5.14 -33.31 -32.41
C PHE D 64 -5.87 -34.49 -31.79
N CYS D 65 -7.18 -34.35 -31.63
CA CYS D 65 -8.01 -35.34 -30.96
C CYS D 65 -9.48 -34.97 -31.08
N HIS D 66 -10.31 -35.89 -31.56
CA HIS D 66 -11.73 -35.63 -31.79
C HIS D 66 -12.45 -35.57 -30.46
N SER D 67 -12.77 -34.36 -30.01
CA SER D 67 -13.46 -34.16 -28.74
C SER D 67 -14.78 -33.44 -28.97
N GLN D 68 -15.73 -33.73 -28.09
CA GLN D 68 -17.06 -33.10 -28.09
C GLN D 68 -17.41 -32.72 -26.66
N LEU D 69 -17.82 -31.47 -26.47
CA LEU D 69 -18.03 -30.93 -25.14
C LEU D 69 -19.51 -30.76 -24.81
N SER D 70 -19.84 -30.98 -23.55
CA SER D 70 -21.14 -30.67 -22.99
C SER D 70 -20.94 -29.81 -21.76
N ASN D 71 -22.05 -29.31 -21.20
CA ASN D 71 -21.95 -28.48 -20.01
C ASN D 71 -21.55 -29.28 -18.77
N ASN D 72 -21.54 -30.61 -18.83
CA ASN D 72 -21.19 -31.44 -17.70
C ASN D 72 -20.13 -32.49 -18.00
N SER D 73 -19.73 -32.68 -19.26
CA SER D 73 -18.84 -33.77 -19.61
C SER D 73 -18.01 -33.41 -20.83
N VAL D 74 -17.03 -34.26 -21.12
CA VAL D 74 -16.15 -34.14 -22.28
C VAL D 74 -15.98 -35.54 -22.86
N SER D 75 -16.26 -35.69 -24.15
CA SER D 75 -16.13 -36.97 -24.83
C SER D 75 -14.94 -36.92 -25.77
N PHE D 76 -14.05 -37.90 -25.64
CA PHE D 76 -12.97 -38.11 -26.58
C PHE D 76 -13.32 -39.31 -27.44
N PHE D 77 -12.94 -39.27 -28.72
CA PHE D 77 -13.28 -40.35 -29.65
C PHE D 77 -12.01 -40.95 -30.21
N LEU D 78 -11.85 -42.26 -30.03
CA LEU D 78 -10.67 -42.98 -30.49
C LEU D 78 -11.06 -44.00 -31.56
N TYR D 79 -10.22 -44.11 -32.58
CA TYR D 79 -10.50 -44.92 -33.76
C TYR D 79 -9.33 -45.85 -34.04
N ASN D 80 -9.56 -46.81 -34.94
CA ASN D 80 -8.55 -47.77 -35.40
C ASN D 80 -7.96 -48.53 -34.21
N LEU D 81 -8.84 -49.19 -33.47
CA LEU D 81 -8.49 -49.88 -32.23
C LEU D 81 -8.26 -51.36 -32.50
N ASP D 82 -7.07 -51.85 -32.19
CA ASP D 82 -6.74 -53.27 -32.20
C ASP D 82 -6.62 -53.77 -30.77
N HIS D 83 -6.23 -55.04 -30.62
CA HIS D 83 -6.07 -55.61 -29.29
C HIS D 83 -4.90 -55.00 -28.53
N SER D 84 -3.98 -54.32 -29.21
CA SER D 84 -2.81 -53.75 -28.54
C SER D 84 -3.17 -52.54 -27.68
N HIS D 85 -4.29 -51.88 -27.96
CA HIS D 85 -4.67 -50.66 -27.27
C HIS D 85 -5.49 -50.91 -26.01
N ALA D 86 -5.61 -52.18 -25.59
CA ALA D 86 -6.24 -52.50 -24.31
C ALA D 86 -5.33 -52.05 -23.18
N ASN D 87 -5.74 -51.03 -22.43
CA ASN D 87 -4.88 -50.42 -21.44
C ASN D 87 -5.75 -49.69 -20.42
N TYR D 88 -5.10 -49.00 -19.48
CA TYR D 88 -5.80 -48.17 -18.50
C TYR D 88 -5.95 -46.76 -19.05
N TYR D 89 -7.15 -46.20 -18.94
CA TYR D 89 -7.43 -44.86 -19.41
C TYR D 89 -7.93 -44.00 -18.26
N PHE D 90 -7.47 -42.74 -18.23
CA PHE D 90 -7.74 -41.84 -17.12
C PHE D 90 -8.18 -40.48 -17.62
N CYS D 91 -9.14 -39.90 -16.91
CA CYS D 91 -9.52 -38.50 -17.04
C CYS D 91 -8.82 -37.72 -15.93
N ASN D 92 -7.93 -36.81 -16.33
CA ASN D 92 -7.22 -35.92 -15.42
C ASN D 92 -7.83 -34.53 -15.56
N LEU D 93 -8.62 -34.13 -14.57
CA LEU D 93 -9.36 -32.87 -14.59
C LEU D 93 -8.68 -31.85 -13.68
N SER D 94 -8.36 -30.68 -14.24
CA SER D 94 -7.85 -29.53 -13.48
C SER D 94 -8.90 -28.43 -13.53
N ILE D 95 -9.42 -28.05 -12.37
CA ILE D 95 -10.44 -27.02 -12.29
C ILE D 95 -9.78 -25.67 -12.05
N PHE D 96 -10.09 -24.70 -12.92
CA PHE D 96 -9.58 -23.34 -12.78
C PHE D 96 -10.64 -22.34 -12.33
N ASP D 97 -11.91 -22.59 -12.61
CA ASP D 97 -12.99 -21.68 -12.29
C ASP D 97 -14.28 -22.48 -12.12
N PRO D 98 -14.90 -22.46 -10.93
CA PRO D 98 -14.58 -21.65 -9.75
C PRO D 98 -13.44 -22.17 -8.87
N PRO D 99 -12.92 -21.32 -7.99
CA PRO D 99 -11.89 -21.76 -7.04
C PRO D 99 -12.47 -22.73 -6.02
N PRO D 100 -11.62 -23.49 -5.32
CA PRO D 100 -10.16 -23.50 -5.44
C PRO D 100 -9.66 -24.38 -6.58
N PHE D 101 -8.37 -24.25 -6.91
CA PHE D 101 -7.75 -25.14 -7.88
C PHE D 101 -7.77 -26.58 -7.35
N LYS D 102 -8.22 -27.50 -8.20
CA LYS D 102 -8.40 -28.88 -7.78
C LYS D 102 -8.13 -29.81 -8.96
N VAL D 103 -7.31 -30.83 -8.73
CA VAL D 103 -6.98 -31.84 -9.72
C VAL D 103 -7.59 -33.15 -9.26
N THR D 104 -8.43 -33.75 -10.10
CA THR D 104 -9.01 -35.05 -9.82
C THR D 104 -8.73 -36.00 -10.97
N LEU D 105 -8.72 -37.30 -10.67
CA LEU D 105 -8.43 -38.34 -11.65
C LEU D 105 -9.46 -39.44 -11.51
N THR D 106 -10.17 -39.73 -12.61
CA THR D 106 -11.00 -40.92 -12.68
C THR D 106 -10.43 -41.83 -13.75
N GLY D 107 -10.85 -43.09 -13.75
CA GLY D 107 -10.23 -44.00 -14.70
C GLY D 107 -10.98 -45.30 -14.85
N GLY D 108 -10.47 -46.11 -15.77
CA GLY D 108 -11.04 -47.42 -16.05
C GLY D 108 -10.11 -48.24 -16.91
N TYR D 109 -10.46 -49.51 -17.07
CA TYR D 109 -9.77 -50.40 -17.98
C TYR D 109 -10.66 -50.66 -19.18
N LEU D 110 -10.07 -50.62 -20.37
CA LEU D 110 -10.86 -50.59 -21.60
C LEU D 110 -11.41 -51.97 -21.98
N HIS D 111 -10.52 -52.90 -22.33
CA HIS D 111 -10.90 -54.20 -22.89
C HIS D 111 -10.77 -55.27 -21.80
N ILE D 112 -11.86 -56.01 -21.58
CA ILE D 112 -11.91 -57.06 -20.57
C ILE D 112 -11.64 -56.49 -19.18
#